data_4OGP
#
_entry.id   4OGP
#
_cell.length_a   55.120
_cell.length_b   88.460
_cell.length_c   67.910
_cell.angle_alpha   90.00
_cell.angle_beta   96.08
_cell.angle_gamma   90.00
#
_symmetry.space_group_name_H-M   'P 1 21 1'
#
loop_
_entity.id
_entity.type
_entity.pdbx_description
1 polymer 'DNA topoisomerase 2-associated protein PAT1'
2 non-polymer '2-(N-MORPHOLINO)-ETHANESULFONIC ACID'
3 non-polymer 1,2-ETHANEDIOL
4 water water
#
_entity_poly.entity_id   1
_entity_poly.type   'polypeptide(L)'
_entity_poly.pdbx_seq_one_letter_code
;GGKKFILELIETVYEEILDLEANLRNGQQTDSTAMWEALHIDDSSYDVNPFISMLSFDKGIKIMPRIFNFLDKQQKLKIL
QKIFNELSHLQIIILSSYKTTPKPTLTQLKKVDLFQMIILKIIVSFLSNNSNFIEIMGLLLQLIRNNNVSFLTTSKIGLN
LITILISRAALIKQDSSRSNILSSPEISTWNEIYDKLFTSLESKIQLIFPPREYNDHIMRLQNDKFMDEAYIWQFLASLA
LSGKLNHQRIIIDEVRDEIFATINEAETLQKKEKELSVLPQRSQELDTELKSIIYNKEKLYQDLNLFLNVMGLVYRDGEI
SELKHHHHHH
;
_entity_poly.pdbx_strand_id   A,B
#
loop_
_chem_comp.id
_chem_comp.type
_chem_comp.name
_chem_comp.formula
EDO non-polymer 1,2-ETHANEDIOL 'C2 H6 O2'
MES non-polymer '2-(N-MORPHOLINO)-ETHANESULFONIC ACID' 'C6 H13 N O4 S'
#
# COMPACT_ATOMS: atom_id res chain seq x y z
N GLY A 2 -11.12 6.69 28.73
CA GLY A 2 -12.08 7.34 27.86
C GLY A 2 -11.46 8.11 26.70
N LYS A 3 -12.30 8.63 25.82
CA LYS A 3 -11.83 9.26 24.58
C LYS A 3 -10.96 10.49 24.77
N LYS A 4 -11.32 11.35 25.73
CA LYS A 4 -10.53 12.55 25.97
C LYS A 4 -9.17 12.19 26.55
N PHE A 5 -9.12 11.11 27.34
CA PHE A 5 -7.87 10.61 27.90
C PHE A 5 -6.90 10.11 26.80
N ILE A 6 -7.43 9.32 25.88
CA ILE A 6 -6.61 8.77 24.78
C ILE A 6 -6.10 9.89 23.87
N LEU A 7 -6.96 10.86 23.60
CA LEU A 7 -6.56 12.03 22.81
C LEU A 7 -5.39 12.76 23.47
N GLU A 8 -5.46 12.92 24.78
CA GLU A 8 -4.40 13.57 25.56
C GLU A 8 -3.11 12.74 25.48
N LEU A 9 -3.28 11.43 25.43
CA LEU A 9 -2.18 10.48 25.35
C LEU A 9 -1.46 10.58 24.02
N ILE A 10 -2.24 10.62 22.94
CA ILE A 10 -1.69 10.76 21.59
C ILE A 10 -0.92 12.06 21.45
N GLU A 11 -1.44 13.13 22.02
CA GLU A 11 -0.77 14.43 22.01
C GLU A 11 0.61 14.32 22.64
N THR A 12 0.68 13.65 23.79
CA THR A 12 1.92 13.47 24.52
C THR A 12 2.91 12.65 23.70
N VAL A 13 2.40 11.69 22.94
CA VAL A 13 3.25 10.83 22.15
C VAL A 13 3.90 11.63 21.02
N TYR A 14 3.12 12.48 20.34
CA TYR A 14 3.66 13.33 19.28
C TYR A 14 4.75 14.24 19.82
N GLU A 15 4.52 14.78 21.02
CA GLU A 15 5.52 15.64 21.66
C GLU A 15 6.82 14.88 21.90
N GLU A 16 6.70 13.64 22.38
CA GLU A 16 7.88 12.80 22.57
C GLU A 16 8.59 12.52 21.25
N ILE A 17 7.82 12.21 20.21
CA ILE A 17 8.40 11.89 18.91
C ILE A 17 9.11 13.11 18.29
N LEU A 18 8.48 14.27 18.42
CA LEU A 18 9.04 15.51 17.90
C LEU A 18 10.31 15.92 18.63
N ASP A 19 10.34 15.75 19.95
CA ASP A 19 11.56 15.98 20.71
C ASP A 19 12.63 15.03 20.23
N LEU A 20 12.27 13.76 20.11
CA LEU A 20 13.18 12.74 19.60
C LEU A 20 13.69 13.06 18.21
N GLU A 21 12.79 13.55 17.34
CA GLU A 21 13.12 13.82 15.95
C GLU A 21 13.98 15.08 15.78
N ALA A 22 13.88 15.99 16.76
CA ALA A 22 14.68 17.20 16.76
C ALA A 22 16.12 16.89 17.17
N ASN A 23 16.26 15.98 18.12
CA ASN A 23 17.57 15.54 18.60
C ASN A 23 18.37 14.88 17.49
N LEU A 24 17.72 13.96 16.78
CA LEU A 24 18.35 13.23 15.67
C LEU A 24 18.78 14.17 14.56
N ARG A 25 18.01 15.24 14.37
CA ARG A 25 18.35 16.26 13.38
C ARG A 25 19.55 17.09 13.84
N ASN A 26 19.54 17.46 15.11
CA ASN A 26 20.62 18.26 15.69
C ASN A 26 21.80 17.40 16.15
N GLY A 27 21.97 16.26 15.49
CA GLY A 27 23.10 15.38 15.74
C GLY A 27 23.14 14.68 17.09
N GLN A 28 22.65 15.34 18.13
CA GLN A 28 22.90 14.86 19.50
C GLN A 28 22.11 13.63 19.95
N GLN A 29 22.00 13.49 21.27
CA GLN A 29 21.53 12.25 21.90
C GLN A 29 20.06 11.95 21.65
N THR A 30 19.77 10.67 21.43
CA THR A 30 18.40 10.17 21.36
C THR A 30 18.17 9.13 22.46
N ASP A 31 17.14 9.33 23.27
CA ASP A 31 16.75 8.36 24.29
C ASP A 31 15.24 8.12 24.26
N SER A 32 14.85 6.96 23.75
CA SER A 32 13.45 6.64 23.49
C SER A 32 12.68 6.20 24.72
N THR A 33 13.33 6.26 25.88
CA THR A 33 12.73 5.82 27.14
C THR A 33 11.47 6.62 27.50
N ALA A 34 11.53 7.93 27.28
CA ALA A 34 10.38 8.81 27.56
C ALA A 34 9.20 8.53 26.64
N MET A 35 9.48 8.35 25.36
CA MET A 35 8.44 8.03 24.38
C MET A 35 7.83 6.66 24.63
N TRP A 36 8.65 5.66 24.94
CA TRP A 36 8.14 4.32 25.24
C TRP A 36 7.12 4.35 26.38
N GLU A 37 7.46 5.03 27.47
CA GLU A 37 6.54 5.13 28.60
C GLU A 37 5.27 5.87 28.18
N ALA A 38 5.42 6.81 27.25
CA ALA A 38 4.29 7.59 26.78
C ALA A 38 3.24 6.70 26.13
N LEU A 39 3.67 5.59 25.55
CA LEU A 39 2.76 4.67 24.87
C LEU A 39 1.82 3.94 25.83
N HIS A 40 2.24 3.81 27.10
CA HIS A 40 1.48 3.04 28.09
C HIS A 40 1.31 1.59 27.66
N ILE A 41 2.39 1.02 27.14
CA ILE A 41 2.33 -0.30 26.57
C ILE A 41 2.34 -1.39 27.66
N ASP A 42 2.97 -1.07 28.77
CA ASP A 42 3.09 -2.01 29.89
C ASP A 42 2.08 -1.65 30.97
N ASP A 43 0.94 -1.10 30.56
CA ASP A 43 -0.03 -0.56 31.51
C ASP A 43 -1.31 -1.38 31.60
N SER A 44 -1.43 -2.15 32.67
CA SER A 44 -2.56 -3.06 32.85
C SER A 44 -3.69 -2.39 33.62
N SER A 45 -3.53 -1.09 33.89
CA SER A 45 -4.44 -0.38 34.78
C SER A 45 -5.82 -0.10 34.21
N TYR A 46 -6.04 -0.46 32.96
CA TYR A 46 -7.28 -0.08 32.28
C TYR A 46 -8.06 -1.26 31.72
N ASP A 47 -9.31 -0.96 31.35
CA ASP A 47 -10.18 -1.89 30.64
C ASP A 47 -9.52 -2.35 29.34
N VAL A 48 -9.36 -1.42 28.40
CA VAL A 48 -8.59 -1.64 27.19
C VAL A 48 -7.24 -0.97 27.36
N ASN A 49 -6.19 -1.64 26.94
CA ASN A 49 -4.85 -1.07 27.01
C ASN A 49 -4.80 0.25 26.23
N PRO A 50 -4.21 1.29 26.82
CA PRO A 50 -4.23 2.63 26.21
C PRO A 50 -3.62 2.64 24.81
N PHE A 51 -2.47 2.00 24.64
CA PHE A 51 -1.80 1.97 23.34
C PHE A 51 -2.69 1.39 22.25
N ILE A 52 -3.41 0.33 22.63
CA ILE A 52 -4.36 -0.35 21.78
C ILE A 52 -5.49 0.59 21.35
N SER A 53 -6.06 1.32 22.32
CA SER A 53 -7.10 2.30 22.02
C SER A 53 -6.59 3.42 21.09
N MET A 54 -5.34 3.83 21.26
CA MET A 54 -4.74 4.84 20.37
C MET A 54 -4.79 4.45 18.89
N LEU A 55 -4.69 3.15 18.61
CA LEU A 55 -4.69 2.59 17.27
C LEU A 55 -6.02 2.77 16.55
N SER A 56 -7.07 3.10 17.30
CA SER A 56 -8.34 3.34 16.64
C SER A 56 -8.63 4.83 16.44
N PHE A 57 -7.59 5.66 16.55
CA PHE A 57 -7.64 7.07 16.16
C PHE A 57 -6.69 7.29 14.99
N ASP A 58 -7.16 7.99 13.97
CA ASP A 58 -6.34 8.29 12.80
C ASP A 58 -5.01 8.93 13.18
N LYS A 59 -5.03 9.89 14.10
CA LYS A 59 -3.79 10.51 14.53
C LYS A 59 -2.91 9.54 15.31
N GLY A 60 -3.50 8.53 15.94
CA GLY A 60 -2.71 7.55 16.66
C GLY A 60 -1.99 6.63 15.68
N ILE A 61 -2.72 6.12 14.70
CA ILE A 61 -2.10 5.23 13.71
C ILE A 61 -1.09 5.97 12.84
N LYS A 62 -1.33 7.24 12.56
CA LYS A 62 -0.42 8.03 11.73
C LYS A 62 1.00 8.18 12.29
N ILE A 63 1.15 8.06 13.60
CA ILE A 63 2.46 8.24 14.19
C ILE A 63 3.21 6.91 14.38
N MET A 64 2.56 5.80 14.05
CA MET A 64 3.17 4.49 14.24
C MET A 64 4.50 4.27 13.52
N PRO A 65 4.59 4.64 12.22
CA PRO A 65 5.88 4.45 11.57
C PRO A 65 6.99 5.26 12.23
N ARG A 66 6.69 6.50 12.58
CA ARG A 66 7.66 7.37 13.26
C ARG A 66 8.08 6.80 14.61
N ILE A 67 7.14 6.16 15.31
CA ILE A 67 7.45 5.48 16.56
C ILE A 67 8.45 4.35 16.31
N PHE A 68 8.21 3.57 15.27
CA PHE A 68 9.06 2.43 14.92
C PHE A 68 10.46 2.84 14.47
N ASN A 69 10.62 4.09 14.06
CA ASN A 69 11.94 4.59 13.68
C ASN A 69 12.88 4.69 14.89
N PHE A 70 12.30 4.85 16.07
CA PHE A 70 13.10 4.97 17.28
C PHE A 70 12.98 3.73 18.18
N LEU A 71 12.74 2.58 17.57
CA LEU A 71 12.57 1.35 18.34
C LEU A 71 13.60 0.33 17.96
N ASP A 72 14.00 -0.50 18.92
CA ASP A 72 14.79 -1.69 18.63
C ASP A 72 13.85 -2.87 18.37
N LYS A 73 14.41 -3.98 17.90
CA LYS A 73 13.60 -5.09 17.42
C LYS A 73 12.78 -5.74 18.54
N GLN A 74 13.34 -5.77 19.75
CA GLN A 74 12.64 -6.37 20.88
C GLN A 74 11.46 -5.51 21.27
N GLN A 75 11.60 -4.20 21.08
CA GLN A 75 10.50 -3.27 21.32
C GLN A 75 9.47 -3.40 20.20
N LYS A 76 9.96 -3.50 18.97
CA LYS A 76 9.10 -3.71 17.83
C LYS A 76 8.26 -4.99 18.01
N LEU A 77 8.93 -6.10 18.33
CA LEU A 77 8.24 -7.39 18.51
C LEU A 77 7.16 -7.31 19.57
N LYS A 78 7.50 -6.71 20.71
CA LYS A 78 6.56 -6.64 21.82
C LYS A 78 5.29 -5.89 21.45
N ILE A 79 5.44 -4.84 20.63
CA ILE A 79 4.31 -4.05 20.14
C ILE A 79 3.41 -4.87 19.23
N LEU A 80 4.02 -5.54 18.26
CA LEU A 80 3.31 -6.43 17.36
C LEU A 80 2.64 -7.59 18.10
N GLN A 81 3.33 -8.13 19.11
CA GLN A 81 2.74 -9.16 19.97
C GLN A 81 1.51 -8.64 20.69
N LYS A 82 1.61 -7.40 21.18
CA LYS A 82 0.52 -6.76 21.90
C LYS A 82 -0.67 -6.61 20.96
N ILE A 83 -0.39 -6.16 19.75
CA ILE A 83 -1.43 -5.96 18.75
C ILE A 83 -2.10 -7.26 18.30
N PHE A 84 -1.29 -8.23 17.90
CA PHE A 84 -1.80 -9.52 17.41
C PHE A 84 -2.72 -10.16 18.43
N ASN A 85 -2.34 -10.05 19.69
CA ASN A 85 -3.14 -10.49 20.82
C ASN A 85 -4.57 -9.96 20.81
N GLU A 86 -4.74 -8.71 20.38
CA GLU A 86 -6.00 -8.02 20.58
C GLU A 86 -6.75 -7.76 19.30
N LEU A 87 -6.22 -8.26 18.20
CA LEU A 87 -6.67 -7.91 16.85
C LEU A 87 -8.17 -7.87 16.68
N SER A 88 -8.84 -8.96 17.02
CA SER A 88 -10.28 -9.09 16.77
C SER A 88 -11.13 -8.25 17.71
N HIS A 89 -10.49 -7.55 18.64
CA HIS A 89 -11.22 -6.67 19.54
C HIS A 89 -11.07 -5.20 19.17
N LEU A 90 -10.08 -4.88 18.32
CA LEU A 90 -9.78 -3.49 17.96
C LEU A 90 -10.96 -2.84 17.29
N GLN A 91 -11.26 -1.60 17.66
CA GLN A 91 -12.38 -0.85 17.07
C GLN A 91 -12.30 -0.83 15.56
N ILE A 92 -11.10 -0.67 15.03
CA ILE A 92 -10.92 -0.48 13.59
C ILE A 92 -11.15 -1.79 12.85
N ILE A 93 -10.85 -2.91 13.52
CA ILE A 93 -11.11 -4.22 12.94
C ILE A 93 -12.60 -4.44 12.91
N ILE A 94 -13.29 -3.96 13.94
CA ILE A 94 -14.74 -4.03 13.99
C ILE A 94 -15.36 -3.23 12.84
N LEU A 95 -14.77 -2.08 12.54
CA LEU A 95 -15.17 -1.29 11.38
C LEU A 95 -14.86 -2.04 10.08
N SER A 96 -13.75 -2.78 10.09
CA SER A 96 -13.28 -3.49 8.89
C SER A 96 -14.10 -4.72 8.48
N SER A 97 -14.67 -5.42 9.45
CA SER A 97 -15.42 -6.64 9.15
C SER A 97 -16.78 -6.34 8.54
N TYR A 98 -17.14 -7.06 7.46
CA TYR A 98 -18.46 -6.92 6.86
C TYR A 98 -19.56 -7.49 7.76
N LYS A 99 -19.17 -8.28 8.75
CA LYS A 99 -20.14 -8.83 9.71
C LYS A 99 -20.56 -7.77 10.73
N THR A 100 -19.59 -7.26 11.49
CA THR A 100 -19.89 -6.24 12.47
C THR A 100 -20.22 -4.86 11.88
N THR A 101 -19.79 -4.58 10.64
CA THR A 101 -20.12 -3.32 9.98
C THR A 101 -20.60 -3.57 8.54
N PRO A 102 -21.87 -3.94 8.36
CA PRO A 102 -22.34 -4.32 7.02
C PRO A 102 -22.66 -3.12 6.14
N LYS A 103 -22.75 -1.93 6.71
CA LYS A 103 -23.07 -0.75 5.95
C LYS A 103 -22.09 0.37 6.28
N PRO A 104 -20.81 0.18 5.91
CA PRO A 104 -19.83 1.22 6.25
C PRO A 104 -20.06 2.50 5.48
N THR A 105 -19.66 3.63 6.04
CA THR A 105 -19.68 4.88 5.29
C THR A 105 -18.36 5.02 4.56
N LEU A 106 -18.31 5.96 3.61
CA LEU A 106 -17.06 6.27 2.94
C LEU A 106 -15.96 6.62 3.97
N THR A 107 -16.33 7.37 4.99
CA THR A 107 -15.37 7.81 5.99
C THR A 107 -14.80 6.63 6.74
N GLN A 108 -15.68 5.72 7.16
CA GLN A 108 -15.24 4.49 7.80
C GLN A 108 -14.36 3.64 6.87
N LEU A 109 -14.67 3.59 5.59
CA LEU A 109 -13.78 2.88 4.65
C LEU A 109 -12.40 3.50 4.56
N LYS A 110 -12.35 4.84 4.60
CA LYS A 110 -11.07 5.54 4.58
C LYS A 110 -10.25 5.28 5.83
N LYS A 111 -10.91 5.33 6.99
CA LYS A 111 -10.25 4.95 8.24
C LYS A 111 -9.67 3.53 8.14
N VAL A 112 -10.46 2.61 7.58
CA VAL A 112 -10.03 1.23 7.45
C VAL A 112 -8.80 1.15 6.56
N ASP A 113 -8.88 1.77 5.38
CA ASP A 113 -7.77 1.79 4.42
C ASP A 113 -6.49 2.38 5.02
N LEU A 114 -6.61 3.48 5.76
CA LEU A 114 -5.44 4.07 6.43
C LEU A 114 -4.82 3.08 7.44
N PHE A 115 -5.68 2.41 8.21
CA PHE A 115 -5.16 1.49 9.21
C PHE A 115 -4.39 0.36 8.57
N GLN A 116 -5.00 -0.30 7.60
CA GLN A 116 -4.33 -1.44 7.01
C GLN A 116 -3.13 -1.01 6.16
N MET A 117 -3.18 0.19 5.58
CA MET A 117 -2.03 0.67 4.82
C MET A 117 -0.83 0.86 5.74
N ILE A 118 -1.04 1.52 6.87
CA ILE A 118 0.09 1.81 7.75
C ILE A 118 0.54 0.57 8.49
N ILE A 119 -0.42 -0.15 9.10
CA ILE A 119 -0.09 -1.30 9.92
C ILE A 119 0.59 -2.41 9.12
N LEU A 120 0.08 -2.70 7.94
CA LEU A 120 0.64 -3.77 7.13
C LEU A 120 2.06 -3.47 6.72
N LYS A 121 2.29 -2.24 6.25
CA LYS A 121 3.63 -1.80 5.85
C LYS A 121 4.62 -1.96 7.00
N ILE A 122 4.20 -1.55 8.19
CA ILE A 122 5.01 -1.75 9.39
C ILE A 122 5.31 -3.22 9.63
N ILE A 123 4.28 -4.06 9.61
CA ILE A 123 4.45 -5.49 9.85
C ILE A 123 5.34 -6.11 8.77
N VAL A 124 5.11 -5.71 7.52
CA VAL A 124 5.92 -6.20 6.42
C VAL A 124 7.39 -5.86 6.61
N SER A 125 7.68 -4.60 6.92
CA SER A 125 9.05 -4.15 7.06
C SER A 125 9.75 -4.83 8.22
N PHE A 126 8.99 -5.18 9.24
CA PHE A 126 9.53 -5.88 10.39
C PHE A 126 9.93 -7.31 10.05
N LEU A 127 9.29 -7.87 9.04
CA LEU A 127 9.55 -9.25 8.64
C LEU A 127 10.63 -9.28 7.57
N SER A 128 10.82 -8.16 6.88
CA SER A 128 11.80 -8.07 5.80
C SER A 128 13.14 -7.59 6.32
N ASN A 129 13.24 -7.38 7.63
CA ASN A 129 14.44 -6.78 8.21
C ASN A 129 15.08 -7.66 9.27
N ASN A 130 15.90 -8.61 8.81
CA ASN A 130 16.66 -9.48 9.70
C ASN A 130 15.75 -10.28 10.65
N SER A 131 14.61 -10.73 10.13
CA SER A 131 13.65 -11.50 10.92
C SER A 131 13.80 -13.00 10.65
N ASN A 132 13.62 -13.80 11.69
CA ASN A 132 13.78 -15.24 11.54
C ASN A 132 12.44 -16.01 11.48
N PHE A 133 12.55 -17.27 11.10
CA PHE A 133 11.39 -18.15 10.98
C PHE A 133 10.61 -18.24 12.27
N ILE A 134 11.30 -18.44 13.38
CA ILE A 134 10.67 -18.65 14.67
C ILE A 134 9.91 -17.42 15.16
N GLU A 135 10.40 -16.24 14.79
CA GLU A 135 9.68 -14.99 15.09
C GLU A 135 8.32 -14.99 14.41
N ILE A 136 8.32 -15.27 13.11
CA ILE A 136 7.12 -15.26 12.29
C ILE A 136 6.13 -16.31 12.78
N MET A 137 6.62 -17.53 12.98
CA MET A 137 5.83 -18.60 13.55
C MET A 137 5.12 -18.18 14.83
N GLY A 138 5.89 -17.58 15.74
CA GLY A 138 5.36 -17.14 17.01
C GLY A 138 4.23 -16.14 16.82
N LEU A 139 4.38 -15.27 15.84
CA LEU A 139 3.36 -14.26 15.58
C LEU A 139 2.08 -14.87 15.02
N LEU A 140 2.22 -15.77 14.04
CA LEU A 140 1.08 -16.51 13.52
C LEU A 140 0.33 -17.25 14.63
N LEU A 141 1.10 -17.90 15.50
CA LEU A 141 0.55 -18.72 16.56
C LEU A 141 -0.20 -17.85 17.57
N GLN A 142 0.36 -16.69 17.88
CA GLN A 142 -0.32 -15.73 18.74
C GLN A 142 -1.63 -15.30 18.10
N LEU A 143 -1.59 -15.06 16.79
CA LEU A 143 -2.79 -14.68 16.05
C LEU A 143 -3.88 -15.74 16.17
N ILE A 144 -3.51 -16.99 15.89
CA ILE A 144 -4.46 -18.11 15.89
C ILE A 144 -5.08 -18.39 17.26
N ARG A 145 -4.25 -18.40 18.30
CA ARG A 145 -4.72 -18.84 19.61
C ARG A 145 -5.52 -17.80 20.37
N ASN A 146 -5.33 -16.53 20.03
CA ASN A 146 -5.97 -15.45 20.80
C ASN A 146 -7.07 -14.69 20.06
N ASN A 147 -7.49 -15.22 18.92
CA ASN A 147 -8.49 -14.54 18.11
C ASN A 147 -9.43 -15.54 17.48
N ASN A 148 -10.67 -15.08 17.26
CA ASN A 148 -11.56 -15.76 16.34
C ASN A 148 -10.98 -15.55 14.95
N VAL A 149 -10.27 -16.56 14.45
CA VAL A 149 -9.56 -16.46 13.18
C VAL A 149 -10.55 -16.18 12.05
N SER A 150 -11.67 -16.89 12.09
CA SER A 150 -12.72 -16.72 11.08
C SER A 150 -13.24 -15.28 11.04
N PHE A 151 -13.55 -14.72 12.20
CA PHE A 151 -14.00 -13.32 12.26
C PHE A 151 -12.97 -12.40 11.62
N LEU A 152 -11.70 -12.67 11.85
CA LEU A 152 -10.61 -11.88 11.25
C LEU A 152 -10.63 -11.95 9.71
N THR A 153 -11.03 -13.10 9.18
CA THR A 153 -11.05 -13.30 7.73
C THR A 153 -12.23 -12.57 7.06
N THR A 154 -13.15 -12.03 7.87
CA THR A 154 -14.25 -11.21 7.34
C THR A 154 -13.81 -9.75 7.20
N SER A 155 -12.55 -9.48 7.47
CA SER A 155 -11.98 -8.17 7.18
C SER A 155 -10.80 -8.25 6.23
N LYS A 156 -10.73 -7.28 5.32
CA LYS A 156 -9.61 -7.20 4.37
C LYS A 156 -8.29 -7.16 5.13
N ILE A 157 -8.33 -6.47 6.26
CA ILE A 157 -7.15 -6.31 7.09
C ILE A 157 -6.69 -7.64 7.67
N GLY A 158 -7.62 -8.39 8.26
CA GLY A 158 -7.29 -9.69 8.82
C GLY A 158 -6.83 -10.67 7.75
N LEU A 159 -7.57 -10.72 6.65
CA LEU A 159 -7.18 -11.58 5.52
C LEU A 159 -5.77 -11.24 5.05
N ASN A 160 -5.53 -9.96 4.73
CA ASN A 160 -4.21 -9.56 4.26
C ASN A 160 -3.10 -9.87 5.24
N LEU A 161 -3.37 -9.67 6.51
CA LEU A 161 -2.37 -9.94 7.55
C LEU A 161 -1.98 -11.40 7.53
N ILE A 162 -2.97 -12.28 7.49
CA ILE A 162 -2.69 -13.69 7.40
C ILE A 162 -1.88 -14.05 6.16
N THR A 163 -2.24 -13.52 4.99
CA THR A 163 -1.50 -13.96 3.82
C THR A 163 -0.09 -13.40 3.80
N ILE A 164 0.11 -12.25 4.43
CA ILE A 164 1.46 -11.73 4.61
C ILE A 164 2.28 -12.67 5.50
N LEU A 165 1.68 -13.10 6.61
CA LEU A 165 2.38 -13.96 7.56
C LEU A 165 2.71 -15.31 6.93
N ILE A 166 1.74 -15.94 6.30
CA ILE A 166 2.01 -17.27 5.74
C ILE A 166 2.92 -17.20 4.50
N SER A 167 2.75 -16.17 3.68
CA SER A 167 3.61 -16.02 2.50
C SER A 167 5.05 -15.72 2.91
N ARG A 168 5.22 -15.02 4.03
CA ARG A 168 6.55 -14.78 4.59
C ARG A 168 7.14 -16.06 5.19
N ALA A 169 6.26 -16.91 5.71
CA ALA A 169 6.67 -18.21 6.22
C ALA A 169 7.14 -19.09 5.07
N ALA A 170 6.29 -19.21 4.05
CA ALA A 170 6.54 -19.99 2.85
C ALA A 170 7.82 -19.56 2.14
N LEU A 171 8.01 -18.26 2.01
CA LEU A 171 9.15 -17.67 1.31
C LEU A 171 10.48 -18.02 1.99
N ILE A 172 10.40 -18.58 3.20
CA ILE A 172 11.58 -19.12 3.87
C ILE A 172 11.60 -20.65 3.77
N LEU A 182 17.24 -23.46 8.17
CA LEU A 182 15.91 -23.92 8.61
C LEU A 182 15.94 -25.35 9.14
N SER A 183 15.82 -25.51 10.47
CA SER A 183 15.86 -26.83 11.10
C SER A 183 14.62 -27.68 10.77
N SER A 184 14.76 -28.99 10.93
CA SER A 184 13.61 -29.88 10.80
C SER A 184 12.52 -29.62 11.85
N PRO A 185 12.90 -29.35 13.11
CA PRO A 185 11.84 -28.99 14.07
C PRO A 185 11.13 -27.68 13.69
N GLU A 186 11.83 -26.79 13.00
CA GLU A 186 11.23 -25.55 12.56
C GLU A 186 10.21 -25.82 11.46
N ILE A 187 10.60 -26.69 10.52
CA ILE A 187 9.71 -27.10 9.45
C ILE A 187 8.47 -27.79 10.03
N SER A 188 8.68 -28.60 11.08
CA SER A 188 7.59 -29.30 11.72
C SER A 188 6.68 -28.33 12.46
N THR A 189 7.29 -27.33 13.10
CA THR A 189 6.55 -26.29 13.81
C THR A 189 5.57 -25.59 12.88
N TRP A 190 6.04 -25.31 11.67
CA TRP A 190 5.23 -24.69 10.63
C TRP A 190 4.04 -25.58 10.24
N ASN A 191 4.30 -26.88 10.11
CA ASN A 191 3.22 -27.84 9.89
C ASN A 191 2.13 -27.84 10.98
N GLU A 192 2.54 -27.84 12.24
CA GLU A 192 1.59 -27.78 13.34
C GLU A 192 0.77 -26.50 13.30
N ILE A 193 1.45 -25.37 13.10
CA ILE A 193 0.81 -24.07 13.08
C ILE A 193 -0.14 -23.94 11.89
N TYR A 194 0.32 -24.29 10.70
CA TYR A 194 -0.57 -24.31 9.55
C TYR A 194 -1.82 -25.13 9.82
N ASP A 195 -1.62 -26.30 10.42
CA ASP A 195 -2.75 -27.17 10.76
C ASP A 195 -3.71 -26.50 11.72
N LYS A 196 -3.18 -25.73 12.67
CA LYS A 196 -4.03 -25.03 13.61
C LYS A 196 -4.82 -23.98 12.86
N LEU A 197 -4.13 -23.17 12.06
CA LEU A 197 -4.79 -22.16 11.25
C LEU A 197 -5.86 -22.81 10.41
N PHE A 198 -5.52 -23.94 9.81
CA PHE A 198 -6.43 -24.55 8.87
C PHE A 198 -7.69 -25.06 9.56
N THR A 199 -7.53 -25.69 10.71
CA THR A 199 -8.66 -26.20 11.47
C THR A 199 -9.60 -25.08 11.90
N SER A 200 -9.03 -23.91 12.22
CA SER A 200 -9.81 -22.74 12.62
C SER A 200 -10.71 -22.21 11.49
N LEU A 201 -10.35 -22.53 10.25
CA LEU A 201 -11.08 -22.05 9.09
C LEU A 201 -11.92 -23.11 8.41
N GLU A 202 -11.61 -24.36 8.68
CA GLU A 202 -12.31 -25.47 8.01
C GLU A 202 -13.84 -25.37 8.13
N SER A 203 -14.49 -25.49 6.96
CA SER A 203 -15.93 -25.27 6.76
C SER A 203 -16.39 -23.80 6.83
N LYS A 204 -15.46 -22.87 6.98
CA LYS A 204 -15.83 -21.45 7.06
C LYS A 204 -15.09 -20.62 6.00
N ILE A 205 -14.44 -21.31 5.07
CA ILE A 205 -13.57 -20.66 4.13
C ILE A 205 -14.34 -19.73 3.21
N GLN A 206 -15.53 -20.15 2.79
CA GLN A 206 -16.28 -19.30 1.87
C GLN A 206 -16.66 -17.94 2.49
N LEU A 207 -16.66 -17.84 3.81
CA LEU A 207 -17.03 -16.61 4.50
C LEU A 207 -16.06 -15.46 4.23
N ILE A 208 -14.88 -15.77 3.68
CA ILE A 208 -13.92 -14.74 3.31
C ILE A 208 -14.49 -13.85 2.20
N PHE A 209 -15.46 -14.37 1.47
CA PHE A 209 -16.15 -13.60 0.44
C PHE A 209 -17.33 -12.88 1.08
N PRO A 210 -17.30 -11.55 1.10
CA PRO A 210 -18.44 -10.78 1.62
C PRO A 210 -19.71 -11.07 0.82
N PRO A 211 -20.87 -10.89 1.45
CA PRO A 211 -22.12 -11.21 0.77
C PRO A 211 -22.51 -10.13 -0.25
N ARG A 212 -23.46 -10.50 -1.11
CA ARG A 212 -23.93 -9.64 -2.19
C ARG A 212 -24.44 -8.29 -1.70
N GLU A 213 -25.14 -8.29 -0.56
CA GLU A 213 -25.66 -7.05 0.03
C GLU A 213 -24.53 -6.07 0.33
N TYR A 214 -23.45 -6.60 0.86
CA TYR A 214 -22.30 -5.79 1.20
C TYR A 214 -21.65 -5.19 -0.05
N ASN A 215 -21.44 -6.03 -1.07
CA ASN A 215 -20.84 -5.59 -2.32
C ASN A 215 -21.67 -4.51 -3.00
N ASP A 216 -22.98 -4.75 -3.07
CA ASP A 216 -23.90 -3.77 -3.63
C ASP A 216 -23.77 -2.45 -2.91
N HIS A 217 -23.75 -2.51 -1.58
CA HIS A 217 -23.58 -1.30 -0.77
C HIS A 217 -22.29 -0.56 -1.12
N ILE A 218 -21.16 -1.27 -1.09
CA ILE A 218 -19.87 -0.68 -1.42
C ILE A 218 -19.87 -0.09 -2.83
N MET A 219 -20.49 -0.81 -3.77
CA MET A 219 -20.55 -0.36 -5.15
C MET A 219 -21.31 0.96 -5.32
N ARG A 220 -22.51 1.00 -4.75
CA ARG A 220 -23.32 2.22 -4.74
C ARG A 220 -22.55 3.36 -4.11
N LEU A 221 -21.94 3.08 -2.97
CA LEU A 221 -21.13 4.02 -2.23
C LEU A 221 -20.07 4.68 -3.10
N GLN A 222 -19.35 3.87 -3.85
CA GLN A 222 -18.18 4.36 -4.57
C GLN A 222 -18.46 4.61 -6.05
N ASN A 223 -19.74 4.62 -6.41
CA ASN A 223 -20.17 4.78 -7.79
C ASN A 223 -19.40 3.91 -8.78
N ASP A 224 -19.32 2.63 -8.49
CA ASP A 224 -18.48 1.72 -9.25
C ASP A 224 -19.28 0.44 -9.51
N LYS A 225 -19.35 0.03 -10.78
CA LYS A 225 -20.10 -1.16 -11.18
C LYS A 225 -19.40 -2.48 -10.80
N PHE A 226 -18.19 -2.37 -10.27
CA PHE A 226 -17.33 -3.54 -10.05
C PHE A 226 -16.64 -3.50 -8.69
N MET A 227 -16.29 -4.67 -8.18
CA MET A 227 -15.53 -4.73 -6.94
C MET A 227 -14.10 -5.18 -7.27
N ASP A 228 -13.25 -5.20 -6.25
CA ASP A 228 -11.90 -5.75 -6.38
C ASP A 228 -11.67 -6.78 -5.27
N GLU A 229 -11.64 -8.05 -5.63
CA GLU A 229 -11.47 -9.11 -4.65
C GLU A 229 -10.14 -9.83 -4.83
N ALA A 230 -9.17 -9.17 -5.48
CA ALA A 230 -7.83 -9.75 -5.68
C ALA A 230 -7.24 -10.25 -4.36
N TYR A 231 -7.48 -9.50 -3.27
CA TYR A 231 -6.97 -9.86 -1.96
C TYR A 231 -7.57 -11.18 -1.45
N ILE A 232 -8.79 -11.47 -1.88
CA ILE A 232 -9.44 -12.72 -1.46
C ILE A 232 -8.77 -13.91 -2.14
N TRP A 233 -8.59 -13.80 -3.46
CA TRP A 233 -7.98 -14.89 -4.21
C TRP A 233 -6.51 -15.06 -3.88
N GLN A 234 -5.88 -13.96 -3.49
CA GLN A 234 -4.47 -13.96 -3.13
C GLN A 234 -4.31 -14.77 -1.84
N PHE A 235 -5.20 -14.49 -0.89
CA PHE A 235 -5.28 -15.26 0.35
C PHE A 235 -5.46 -16.76 0.12
N LEU A 236 -6.33 -17.11 -0.82
CA LEU A 236 -6.61 -18.51 -1.12
C LEU A 236 -5.39 -19.17 -1.76
N ALA A 237 -4.78 -18.47 -2.72
CA ALA A 237 -3.58 -18.97 -3.38
C ALA A 237 -2.47 -19.25 -2.37
N SER A 238 -2.28 -18.35 -1.42
CA SER A 238 -1.24 -18.54 -0.42
C SER A 238 -1.61 -19.60 0.61
N LEU A 239 -2.89 -19.71 0.94
CA LEU A 239 -3.34 -20.76 1.84
C LEU A 239 -3.11 -22.12 1.17
N ALA A 240 -3.46 -22.18 -0.11
CA ALA A 240 -3.32 -23.41 -0.89
C ALA A 240 -1.86 -23.80 -1.11
N LEU A 241 -1.00 -22.80 -1.31
CA LEU A 241 0.40 -23.07 -1.60
C LEU A 241 1.14 -23.54 -0.35
N SER A 242 0.60 -23.21 0.81
CA SER A 242 1.27 -23.46 2.08
C SER A 242 0.82 -24.82 2.66
N GLY A 243 -0.17 -25.41 2.01
CA GLY A 243 -0.76 -26.63 2.51
C GLY A 243 -0.40 -27.85 1.72
N LYS A 244 -0.85 -29.00 2.20
CA LYS A 244 -0.62 -30.27 1.53
C LYS A 244 -1.78 -30.54 0.60
N LEU A 245 -1.73 -31.65 -0.12
CA LEU A 245 -2.72 -31.94 -1.14
C LEU A 245 -4.14 -32.07 -0.57
N ASN A 246 -4.28 -32.61 0.64
CA ASN A 246 -5.61 -32.75 1.20
C ASN A 246 -6.18 -31.37 1.60
N HIS A 247 -5.30 -30.48 2.06
CA HIS A 247 -5.71 -29.11 2.38
C HIS A 247 -6.20 -28.40 1.13
N GLN A 248 -5.42 -28.49 0.05
CA GLN A 248 -5.79 -27.87 -1.22
C GLN A 248 -7.13 -28.37 -1.72
N ARG A 249 -7.35 -29.67 -1.55
CA ARG A 249 -8.60 -30.31 -1.94
C ARG A 249 -9.76 -29.71 -1.17
N ILE A 250 -9.56 -29.55 0.13
CA ILE A 250 -10.62 -29.01 0.96
C ILE A 250 -10.89 -27.54 0.55
N ILE A 251 -9.84 -26.79 0.26
CA ILE A 251 -10.02 -25.39 -0.16
C ILE A 251 -10.85 -25.29 -1.42
N ILE A 252 -10.44 -26.00 -2.48
CA ILE A 252 -11.10 -25.88 -3.77
C ILE A 252 -12.57 -26.31 -3.67
N ASP A 253 -12.84 -27.24 -2.76
CA ASP A 253 -14.20 -27.72 -2.53
C ASP A 253 -15.06 -26.65 -1.84
N GLU A 254 -14.52 -26.00 -0.82
CA GLU A 254 -15.29 -24.95 -0.12
C GLU A 254 -15.61 -23.71 -0.97
N VAL A 255 -14.75 -23.40 -1.93
CA VAL A 255 -14.97 -22.19 -2.73
C VAL A 255 -15.46 -22.52 -4.13
N ARG A 256 -15.99 -23.74 -4.29
CA ARG A 256 -16.44 -24.23 -5.58
C ARG A 256 -17.41 -23.29 -6.27
N ASP A 257 -18.43 -22.85 -5.54
CA ASP A 257 -19.47 -22.04 -6.17
C ASP A 257 -18.94 -20.63 -6.46
N GLU A 258 -17.89 -20.21 -5.77
CA GLU A 258 -17.30 -18.90 -6.03
C GLU A 258 -16.48 -18.93 -7.31
N ILE A 259 -15.83 -20.06 -7.56
CA ILE A 259 -15.13 -20.28 -8.82
C ILE A 259 -16.11 -20.22 -9.99
N PHE A 260 -17.20 -20.96 -9.89
CA PHE A 260 -18.21 -20.99 -10.95
C PHE A 260 -18.80 -19.60 -11.16
N ALA A 261 -19.14 -18.92 -10.08
CA ALA A 261 -19.73 -17.59 -10.17
C ALA A 261 -18.75 -16.60 -10.84
N THR A 262 -17.47 -16.72 -10.53
CA THR A 262 -16.45 -15.86 -11.12
C THR A 262 -16.29 -16.12 -12.60
N ILE A 263 -16.17 -17.39 -12.97
CA ILE A 263 -16.18 -17.81 -14.35
C ILE A 263 -17.41 -17.29 -15.08
N ASN A 264 -18.57 -17.46 -14.46
CA ASN A 264 -19.83 -16.94 -15.00
C ASN A 264 -19.80 -15.44 -15.30
N GLU A 265 -19.29 -14.66 -14.36
CA GLU A 265 -19.24 -13.21 -14.54
C GLU A 265 -18.27 -12.82 -15.66
N ALA A 266 -17.07 -13.38 -15.63
CA ALA A 266 -16.07 -13.18 -16.69
C ALA A 266 -16.64 -13.44 -18.09
N GLU A 267 -17.38 -14.53 -18.23
CA GLU A 267 -17.97 -14.89 -19.51
C GLU A 267 -19.08 -13.94 -19.92
N THR A 268 -19.83 -13.45 -18.95
CA THR A 268 -20.85 -12.45 -19.22
C THR A 268 -20.18 -11.14 -19.70
N LEU A 269 -19.02 -10.83 -19.13
CA LEU A 269 -18.27 -9.66 -19.55
C LEU A 269 -17.78 -9.86 -20.98
N GLN A 270 -17.39 -11.09 -21.31
CA GLN A 270 -16.84 -11.43 -22.61
C GLN A 270 -17.85 -11.17 -23.73
N LYS A 271 -19.12 -11.44 -23.45
CA LYS A 271 -20.19 -11.22 -24.44
C LYS A 271 -20.51 -9.75 -24.61
N LYS A 272 -20.64 -9.02 -23.51
CA LYS A 272 -20.87 -7.59 -23.59
C LYS A 272 -19.73 -6.92 -24.35
N GLU A 273 -18.50 -7.35 -24.11
CA GLU A 273 -17.34 -6.86 -24.85
C GLU A 273 -17.49 -7.08 -26.35
N LYS A 274 -17.92 -8.29 -26.72
CA LYS A 274 -18.09 -8.68 -28.12
C LYS A 274 -19.14 -7.85 -28.83
N GLU A 275 -20.15 -7.42 -28.10
CA GLU A 275 -21.22 -6.65 -28.71
C GLU A 275 -20.88 -5.16 -28.84
N LEU A 276 -20.00 -4.67 -27.98
CA LEU A 276 -19.55 -3.28 -28.04
C LEU A 276 -18.36 -3.08 -28.98
N SER A 277 -17.58 -4.14 -29.15
CA SER A 277 -16.33 -4.09 -29.91
C SER A 277 -16.56 -3.79 -31.39
N VAL A 278 -17.70 -4.21 -31.92
CA VAL A 278 -17.96 -4.12 -33.35
C VAL A 278 -18.68 -2.83 -33.72
N LEU A 279 -18.84 -1.93 -32.75
CA LEU A 279 -19.47 -0.64 -33.01
C LEU A 279 -18.43 0.39 -33.44
N PRO A 280 -18.62 1.00 -34.63
CA PRO A 280 -17.71 2.03 -35.12
C PRO A 280 -17.90 3.34 -34.35
N GLN A 281 -16.84 4.14 -34.25
CA GLN A 281 -16.94 5.51 -33.74
C GLN A 281 -17.69 5.63 -32.38
N ARG A 282 -17.32 4.76 -31.44
CA ARG A 282 -17.89 4.75 -30.12
C ARG A 282 -17.79 6.13 -29.47
N SER A 283 -18.86 6.54 -28.81
CA SER A 283 -18.86 7.78 -28.05
C SER A 283 -17.86 7.65 -26.92
N GLN A 284 -17.59 8.73 -26.23
CA GLN A 284 -16.70 8.65 -25.08
C GLN A 284 -17.27 7.69 -24.02
N GLU A 285 -18.58 7.75 -23.83
CA GLU A 285 -19.19 6.91 -22.81
C GLU A 285 -19.08 5.42 -23.15
N LEU A 286 -19.42 5.05 -24.38
CA LEU A 286 -19.32 3.67 -24.81
C LEU A 286 -17.87 3.18 -24.79
N ASP A 287 -16.92 4.07 -25.10
CA ASP A 287 -15.53 3.69 -25.12
C ASP A 287 -15.01 3.42 -23.72
N THR A 288 -15.29 4.32 -22.78
CA THR A 288 -14.90 4.10 -21.39
C THR A 288 -15.53 2.81 -20.85
N GLU A 289 -16.75 2.52 -21.29
CA GLU A 289 -17.49 1.32 -20.86
C GLU A 289 -16.82 0.02 -21.34
N LEU A 290 -16.47 -0.01 -22.63
CA LEU A 290 -15.76 -1.14 -23.21
C LEU A 290 -14.43 -1.38 -22.51
N LYS A 291 -13.66 -0.31 -22.31
CA LYS A 291 -12.36 -0.44 -21.64
C LYS A 291 -12.52 -0.96 -20.21
N SER A 292 -13.62 -0.58 -19.57
CA SER A 292 -13.96 -1.03 -18.23
C SER A 292 -14.28 -2.53 -18.23
N ILE A 293 -15.13 -2.95 -19.16
CA ILE A 293 -15.51 -4.34 -19.31
C ILE A 293 -14.30 -5.24 -19.50
N ILE A 294 -13.43 -4.83 -20.41
CA ILE A 294 -12.24 -5.59 -20.76
C ILE A 294 -11.30 -5.70 -19.56
N TYR A 295 -11.04 -4.57 -18.91
CA TYR A 295 -10.17 -4.53 -17.75
C TYR A 295 -10.68 -5.46 -16.66
N ASN A 296 -11.98 -5.43 -16.43
CA ASN A 296 -12.57 -6.22 -15.34
C ASN A 296 -12.67 -7.71 -15.66
N LYS A 297 -12.94 -8.02 -16.92
CA LYS A 297 -12.90 -9.40 -17.39
C LYS A 297 -11.54 -10.03 -17.13
N GLU A 298 -10.50 -9.33 -17.56
CA GLU A 298 -9.13 -9.82 -17.51
C GLU A 298 -8.70 -9.93 -16.07
N LYS A 299 -9.14 -8.96 -15.28
CA LYS A 299 -8.92 -8.99 -13.84
C LYS A 299 -9.54 -10.24 -13.15
N LEU A 300 -10.78 -10.59 -13.45
CA LEU A 300 -11.37 -11.83 -12.91
C LEU A 300 -10.60 -13.10 -13.32
N TYR A 301 -10.26 -13.21 -14.61
CA TYR A 301 -9.40 -14.29 -15.11
C TYR A 301 -8.08 -14.37 -14.36
N GLN A 302 -7.42 -13.22 -14.22
CA GLN A 302 -6.10 -13.17 -13.61
C GLN A 302 -6.12 -13.57 -12.16
N ASP A 303 -7.08 -13.05 -11.41
CA ASP A 303 -7.13 -13.32 -9.98
C ASP A 303 -7.59 -14.73 -9.70
N LEU A 304 -8.53 -15.23 -10.50
CA LEU A 304 -8.96 -16.62 -10.39
C LEU A 304 -7.83 -17.61 -10.74
N ASN A 305 -7.07 -17.29 -11.78
CA ASN A 305 -5.96 -18.14 -12.18
C ASN A 305 -4.76 -18.13 -11.23
N LEU A 306 -4.57 -17.03 -10.51
CA LEU A 306 -3.58 -17.02 -9.43
C LEU A 306 -3.82 -18.19 -8.46
N PHE A 307 -5.08 -18.41 -8.09
CA PHE A 307 -5.44 -19.50 -7.17
C PHE A 307 -5.40 -20.87 -7.85
N LEU A 308 -6.08 -21.01 -8.98
CA LEU A 308 -6.09 -22.28 -9.70
C LEU A 308 -4.69 -22.79 -10.08
N ASN A 309 -3.82 -21.90 -10.57
CA ASN A 309 -2.46 -22.28 -10.96
C ASN A 309 -1.72 -22.99 -9.84
N VAL A 310 -1.89 -22.50 -8.62
CA VAL A 310 -1.33 -23.15 -7.43
C VAL A 310 -1.78 -24.61 -7.36
N MET A 311 -2.99 -24.87 -7.84
CA MET A 311 -3.59 -26.21 -7.75
C MET A 311 -3.25 -27.04 -8.98
N GLY A 312 -2.43 -26.49 -9.87
CA GLY A 312 -2.08 -27.13 -11.11
C GLY A 312 -3.19 -27.01 -12.14
N LEU A 313 -4.10 -26.06 -11.93
CA LEU A 313 -5.25 -25.86 -12.81
C LEU A 313 -5.25 -24.49 -13.51
N VAL A 314 -6.03 -24.36 -14.58
CA VAL A 314 -6.15 -23.10 -15.28
C VAL A 314 -7.53 -22.99 -15.93
N TYR A 315 -8.15 -21.82 -15.81
CA TYR A 315 -9.31 -21.53 -16.63
C TYR A 315 -8.90 -20.80 -17.91
N ARG A 316 -9.28 -21.39 -19.04
CA ARG A 316 -8.88 -20.87 -20.34
C ARG A 316 -9.79 -21.51 -21.39
N ASP A 317 -10.36 -20.68 -22.26
CA ASP A 317 -11.31 -21.14 -23.28
C ASP A 317 -12.41 -22.06 -22.74
N GLY A 318 -13.15 -21.58 -21.74
CA GLY A 318 -14.36 -22.23 -21.28
C GLY A 318 -14.19 -23.50 -20.48
N GLU A 319 -12.98 -23.75 -20.00
CA GLU A 319 -12.71 -24.97 -19.28
C GLU A 319 -11.70 -24.71 -18.18
N ILE A 320 -11.86 -25.44 -17.09
CA ILE A 320 -10.81 -25.60 -16.11
C ILE A 320 -10.05 -26.85 -16.53
N SER A 321 -8.86 -26.67 -17.10
CA SER A 321 -8.07 -27.78 -17.55
C SER A 321 -6.84 -27.87 -16.69
N GLU A 322 -6.11 -28.97 -16.81
CA GLU A 322 -4.87 -29.12 -16.08
C GLU A 322 -3.79 -28.25 -16.70
N LEU A 323 -2.80 -27.87 -15.89
CA LEU A 323 -1.69 -27.06 -16.37
C LEU A 323 -0.80 -27.88 -17.29
N LYS A 324 -0.47 -27.31 -18.46
CA LYS A 324 0.34 -27.97 -19.49
C LYS A 324 -0.13 -29.39 -19.81
N GLY B 1 7.66 -3.01 -32.54
CA GLY B 1 7.15 -4.31 -32.12
C GLY B 1 6.37 -4.17 -30.82
N GLY B 2 5.07 -4.48 -30.87
CA GLY B 2 4.17 -4.13 -29.78
C GLY B 2 3.27 -5.20 -29.19
N LYS B 3 1.96 -4.90 -29.16
CA LYS B 3 0.99 -5.59 -28.30
C LYS B 3 1.00 -7.11 -28.30
N LYS B 4 0.67 -7.71 -29.43
CA LYS B 4 0.63 -9.16 -29.54
C LYS B 4 1.96 -9.77 -29.11
N PHE B 5 3.05 -9.10 -29.45
CA PHE B 5 4.37 -9.58 -29.07
C PHE B 5 4.60 -9.57 -27.55
N ILE B 6 4.25 -8.47 -26.90
CA ILE B 6 4.46 -8.29 -25.47
C ILE B 6 3.58 -9.25 -24.67
N LEU B 7 2.33 -9.36 -25.07
CA LEU B 7 1.42 -10.33 -24.48
C LEU B 7 2.00 -11.75 -24.58
N GLU B 8 2.60 -12.08 -25.72
CA GLU B 8 3.25 -13.39 -25.90
C GLU B 8 4.40 -13.61 -24.91
N LEU B 9 5.18 -12.56 -24.71
CA LEU B 9 6.30 -12.60 -23.77
C LEU B 9 5.85 -12.79 -22.31
N ILE B 10 4.78 -12.09 -21.93
CA ILE B 10 4.22 -12.17 -20.59
C ILE B 10 3.76 -13.60 -20.27
N GLU B 11 3.14 -14.24 -21.24
CA GLU B 11 2.72 -15.63 -21.08
C GLU B 11 3.92 -16.53 -20.80
N THR B 12 5.02 -16.32 -21.51
CA THR B 12 6.21 -17.15 -21.31
C THR B 12 6.77 -16.94 -19.92
N VAL B 13 6.77 -15.69 -19.48
CA VAL B 13 7.21 -15.32 -18.14
C VAL B 13 6.42 -16.06 -17.07
N TYR B 14 5.09 -16.04 -17.19
CA TYR B 14 4.23 -16.79 -16.28
C TYR B 14 4.56 -18.28 -16.31
N GLU B 15 4.73 -18.82 -17.51
CA GLU B 15 5.14 -20.22 -17.66
C GLU B 15 6.39 -20.49 -16.82
N GLU B 16 7.38 -19.60 -16.93
CA GLU B 16 8.63 -19.77 -16.19
C GLU B 16 8.49 -19.58 -14.69
N ILE B 17 7.68 -18.62 -14.28
CA ILE B 17 7.45 -18.40 -12.85
C ILE B 17 6.71 -19.59 -12.20
N LEU B 18 5.71 -20.12 -12.89
CA LEU B 18 5.05 -21.33 -12.40
C LEU B 18 6.02 -22.52 -12.36
N ASP B 19 6.94 -22.57 -13.32
CA ASP B 19 8.01 -23.57 -13.35
C ASP B 19 8.89 -23.50 -12.10
N LEU B 20 9.11 -22.29 -11.60
CA LEU B 20 9.98 -22.06 -10.45
C LEU B 20 9.23 -22.18 -9.13
N GLU B 21 7.96 -21.80 -9.14
CA GLU B 21 7.15 -21.80 -7.93
C GLU B 21 6.82 -23.23 -7.44
N ALA B 22 6.66 -24.16 -8.37
CA ALA B 22 6.43 -25.55 -8.00
C ALA B 22 7.63 -26.12 -7.27
N ASN B 23 8.81 -25.86 -7.84
CA ASN B 23 10.08 -26.34 -7.30
C ASN B 23 10.38 -25.86 -5.88
N LEU B 24 9.91 -24.66 -5.55
CA LEU B 24 10.09 -24.15 -4.19
C LEU B 24 9.25 -24.94 -3.19
N ARG B 25 8.00 -25.24 -3.58
CA ARG B 25 7.07 -25.96 -2.73
C ARG B 25 7.54 -27.41 -2.54
N ASN B 26 7.58 -28.15 -3.64
CA ASN B 26 7.98 -29.54 -3.61
C ASN B 26 8.91 -29.93 -4.76
N GLY B 27 10.22 -29.73 -4.57
CA GLY B 27 10.80 -29.07 -3.42
C GLY B 27 12.27 -28.93 -3.74
N GLN B 28 12.56 -28.67 -5.02
CA GLN B 28 13.89 -28.96 -5.56
C GLN B 28 14.64 -27.82 -6.25
N GLN B 29 15.07 -28.10 -7.48
CA GLN B 29 16.11 -27.31 -8.13
C GLN B 29 15.61 -26.10 -8.91
N THR B 30 16.01 -24.93 -8.45
CA THR B 30 15.49 -23.67 -8.97
C THR B 30 16.55 -22.81 -9.65
N ASP B 31 16.55 -22.83 -10.99
CA ASP B 31 17.47 -22.02 -11.77
C ASP B 31 16.76 -20.89 -12.50
N SER B 32 16.93 -19.67 -12.00
CA SER B 32 16.24 -18.48 -12.51
C SER B 32 16.68 -18.05 -13.91
N THR B 33 17.62 -18.79 -14.50
CA THR B 33 18.20 -18.41 -15.77
C THR B 33 17.15 -18.32 -16.88
N ALA B 34 16.24 -19.29 -16.90
CA ALA B 34 15.21 -19.35 -17.93
C ALA B 34 14.22 -18.19 -17.79
N MET B 35 13.74 -17.97 -16.58
CA MET B 35 12.86 -16.82 -16.34
C MET B 35 13.58 -15.50 -16.62
N TRP B 36 14.85 -15.39 -16.21
CA TRP B 36 15.58 -14.15 -16.42
C TRP B 36 15.67 -13.79 -17.88
N GLU B 37 16.09 -14.75 -18.71
CA GLU B 37 16.13 -14.52 -20.15
C GLU B 37 14.74 -14.24 -20.71
N ALA B 38 13.73 -14.90 -20.15
CA ALA B 38 12.34 -14.64 -20.56
C ALA B 38 11.95 -13.17 -20.35
N LEU B 39 12.60 -12.51 -19.39
CA LEU B 39 12.31 -11.10 -19.09
C LEU B 39 12.73 -10.17 -20.22
N HIS B 40 13.74 -10.59 -20.99
CA HIS B 40 14.26 -9.79 -22.10
C HIS B 40 14.85 -8.47 -21.62
N ILE B 41 15.33 -8.45 -20.39
CA ILE B 41 15.91 -7.25 -19.80
C ILE B 41 17.09 -6.77 -20.64
N ASP B 42 17.91 -7.73 -21.08
CA ASP B 42 19.12 -7.40 -21.80
C ASP B 42 18.88 -7.39 -23.30
N ASP B 43 17.61 -7.40 -23.70
CA ASP B 43 17.28 -7.35 -25.12
C ASP B 43 17.19 -5.90 -25.61
N SER B 44 18.27 -5.42 -26.22
CA SER B 44 18.30 -4.06 -26.70
C SER B 44 18.01 -3.99 -28.20
N SER B 45 17.33 -5.01 -28.70
CA SER B 45 16.99 -5.06 -30.10
C SER B 45 15.73 -4.27 -30.43
N TYR B 46 15.10 -3.70 -29.41
CA TYR B 46 13.81 -3.06 -29.63
C TYR B 46 13.81 -1.56 -29.35
N ASP B 47 12.88 -0.88 -30.01
CA ASP B 47 12.61 0.53 -29.81
C ASP B 47 12.45 0.88 -28.33
N VAL B 48 11.51 0.21 -27.67
CA VAL B 48 11.36 0.28 -26.22
C VAL B 48 11.73 -1.09 -25.67
N ASN B 49 12.46 -1.12 -24.56
CA ASN B 49 12.84 -2.39 -23.99
C ASN B 49 11.57 -3.18 -23.60
N PRO B 50 11.51 -4.47 -23.97
CA PRO B 50 10.30 -5.29 -23.85
C PRO B 50 9.87 -5.54 -22.42
N PHE B 51 10.83 -5.61 -21.50
CA PHE B 51 10.48 -5.77 -20.09
C PHE B 51 9.76 -4.51 -19.62
N ILE B 52 10.24 -3.37 -20.08
CA ILE B 52 9.62 -2.10 -19.74
C ILE B 52 8.20 -2.01 -20.30
N SER B 53 8.03 -2.45 -21.54
CA SER B 53 6.70 -2.46 -22.16
C SER B 53 5.72 -3.41 -21.46
N MET B 54 6.22 -4.49 -20.86
CA MET B 54 5.35 -5.43 -20.12
C MET B 54 4.70 -4.76 -18.90
N LEU B 55 5.42 -3.80 -18.34
CA LEU B 55 5.01 -3.11 -17.13
C LEU B 55 3.75 -2.27 -17.30
N SER B 56 3.38 -1.98 -18.55
CA SER B 56 2.14 -1.25 -18.78
C SER B 56 0.95 -2.16 -19.12
N PHE B 57 1.12 -3.46 -18.90
CA PHE B 57 -0.03 -4.36 -18.92
C PHE B 57 -0.29 -4.80 -17.49
N ASP B 58 -1.57 -4.81 -17.11
CA ASP B 58 -1.93 -5.30 -15.78
C ASP B 58 -1.32 -6.69 -15.47
N LYS B 59 -1.38 -7.60 -16.43
CA LYS B 59 -0.87 -8.96 -16.20
C LYS B 59 0.65 -8.94 -16.00
N GLY B 60 1.31 -8.00 -16.66
CA GLY B 60 2.74 -7.85 -16.52
C GLY B 60 3.14 -7.34 -15.16
N ILE B 61 2.48 -6.30 -14.67
CA ILE B 61 2.86 -5.74 -13.37
C ILE B 61 2.51 -6.71 -12.23
N LYS B 62 1.45 -7.48 -12.42
CA LYS B 62 1.01 -8.41 -11.38
C LYS B 62 2.01 -9.51 -11.04
N ILE B 63 2.85 -9.87 -12.00
CA ILE B 63 3.81 -10.94 -11.76
C ILE B 63 5.10 -10.41 -11.14
N MET B 64 5.29 -9.10 -11.14
CA MET B 64 6.52 -8.52 -10.63
C MET B 64 6.97 -9.00 -9.24
N PRO B 65 6.07 -9.04 -8.25
CA PRO B 65 6.54 -9.51 -6.94
C PRO B 65 7.01 -10.95 -7.00
N ARG B 66 6.30 -11.76 -7.78
CA ARG B 66 6.69 -13.15 -8.00
C ARG B 66 8.04 -13.29 -8.69
N ILE B 67 8.32 -12.45 -9.69
CA ILE B 67 9.65 -12.40 -10.29
C ILE B 67 10.73 -12.07 -9.25
N PHE B 68 10.45 -11.09 -8.40
CA PHE B 68 11.42 -10.63 -7.40
C PHE B 68 11.78 -11.68 -6.34
N ASN B 69 10.88 -12.62 -6.10
CA ASN B 69 11.20 -13.71 -5.17
C ASN B 69 12.29 -14.65 -5.68
N PHE B 70 12.51 -14.67 -6.99
CA PHE B 70 13.46 -15.61 -7.59
C PHE B 70 14.70 -14.92 -8.18
N LEU B 71 14.93 -13.69 -7.75
CA LEU B 71 16.05 -12.88 -8.23
C LEU B 71 17.03 -12.72 -7.09
N ASP B 72 18.32 -12.68 -7.37
CA ASP B 72 19.24 -12.27 -6.30
C ASP B 72 19.36 -10.74 -6.26
N LYS B 73 20.26 -10.22 -5.43
CA LYS B 73 20.29 -8.79 -5.17
C LYS B 73 20.72 -7.96 -6.37
N GLN B 74 21.73 -8.43 -7.10
CA GLN B 74 22.22 -7.74 -8.29
C GLN B 74 21.17 -7.74 -9.39
N GLN B 75 20.37 -8.80 -9.44
CA GLN B 75 19.32 -8.91 -10.44
C GLN B 75 18.18 -7.97 -10.08
N LYS B 76 17.87 -7.87 -8.79
CA LYS B 76 16.88 -6.90 -8.34
C LYS B 76 17.34 -5.47 -8.67
N LEU B 77 18.59 -5.14 -8.32
CA LEU B 77 19.15 -3.81 -8.61
C LEU B 77 19.05 -3.48 -10.09
N LYS B 78 19.44 -4.43 -10.94
CA LYS B 78 19.39 -4.22 -12.38
C LYS B 78 17.98 -3.94 -12.88
N ILE B 79 16.98 -4.64 -12.35
CA ILE B 79 15.61 -4.37 -12.74
C ILE B 79 15.19 -2.94 -12.36
N LEU B 80 15.43 -2.57 -11.10
CA LEU B 80 15.06 -1.25 -10.59
C LEU B 80 15.77 -0.15 -11.36
N GLN B 81 17.07 -0.34 -11.61
CA GLN B 81 17.84 0.61 -12.42
C GLN B 81 17.20 0.88 -13.78
N LYS B 82 16.80 -0.18 -14.48
CA LYS B 82 16.17 -0.04 -15.79
C LYS B 82 14.83 0.71 -15.70
N ILE B 83 14.01 0.34 -14.71
CA ILE B 83 12.73 1.02 -14.52
C ILE B 83 12.94 2.52 -14.29
N PHE B 84 13.82 2.86 -13.35
CA PHE B 84 14.06 4.25 -12.97
C PHE B 84 14.59 5.06 -14.15
N ASN B 85 15.45 4.41 -14.93
CA ASN B 85 15.98 5.00 -16.14
C ASN B 85 14.86 5.34 -17.15
N GLU B 86 13.81 4.55 -17.14
CA GLU B 86 12.74 4.67 -18.14
C GLU B 86 11.48 5.37 -17.62
N LEU B 87 11.51 5.81 -16.37
CA LEU B 87 10.28 6.12 -15.63
C LEU B 87 9.31 7.02 -16.37
N SER B 88 9.79 8.18 -16.80
CA SER B 88 8.91 9.20 -17.37
C SER B 88 8.36 8.80 -18.72
N HIS B 89 8.85 7.68 -19.26
CA HIS B 89 8.39 7.20 -20.55
C HIS B 89 7.46 5.99 -20.50
N LEU B 90 7.26 5.42 -19.30
CA LEU B 90 6.30 4.33 -19.11
C LEU B 90 4.87 4.79 -19.35
N GLN B 91 4.10 4.00 -20.08
CA GLN B 91 2.70 4.34 -20.37
C GLN B 91 1.91 4.60 -19.09
N ILE B 92 2.18 3.81 -18.06
CA ILE B 92 1.42 3.91 -16.81
C ILE B 92 1.75 5.21 -16.08
N ILE B 93 2.94 5.75 -16.31
CA ILE B 93 3.32 7.02 -15.68
C ILE B 93 2.61 8.15 -16.43
N ILE B 94 2.46 8.01 -17.73
CA ILE B 94 1.70 8.98 -18.51
C ILE B 94 0.24 9.03 -18.02
N LEU B 95 -0.30 7.88 -17.64
CA LEU B 95 -1.65 7.80 -17.10
C LEU B 95 -1.72 8.42 -15.71
N SER B 96 -0.64 8.29 -14.96
CA SER B 96 -0.60 8.72 -13.57
C SER B 96 -0.46 10.24 -13.42
N SER B 97 0.14 10.88 -14.41
CA SER B 97 0.37 12.34 -14.37
C SER B 97 -0.89 13.13 -14.66
N TYR B 98 -1.21 14.10 -13.81
CA TYR B 98 -2.35 14.98 -14.08
C TYR B 98 -2.07 15.87 -15.30
N LYS B 99 -0.81 16.03 -15.67
CA LYS B 99 -0.52 16.86 -16.83
C LYS B 99 -0.82 16.11 -18.14
N THR B 100 -0.31 14.89 -18.28
CA THR B 100 -0.51 14.14 -19.52
C THR B 100 -1.87 13.44 -19.60
N THR B 101 -2.46 13.11 -18.45
CA THR B 101 -3.80 12.57 -18.42
C THR B 101 -4.66 13.38 -17.44
N PRO B 102 -5.21 14.52 -17.89
CA PRO B 102 -6.00 15.39 -17.02
C PRO B 102 -7.38 14.85 -16.69
N LYS B 103 -7.92 13.95 -17.50
CA LYS B 103 -9.25 13.40 -17.24
C LYS B 103 -9.25 11.88 -17.20
N PRO B 104 -8.55 11.30 -16.22
CA PRO B 104 -8.48 9.84 -16.16
C PRO B 104 -9.84 9.19 -15.87
N THR B 105 -10.07 8.03 -16.46
CA THR B 105 -11.26 7.27 -16.13
C THR B 105 -11.05 6.46 -14.87
N LEU B 106 -12.12 5.92 -14.31
CA LEU B 106 -12.01 5.06 -13.13
C LEU B 106 -11.04 3.90 -13.39
N THR B 107 -11.15 3.31 -14.57
CA THR B 107 -10.31 2.17 -14.90
C THR B 107 -8.85 2.55 -14.92
N GLN B 108 -8.54 3.73 -15.48
CA GLN B 108 -7.17 4.20 -15.47
C GLN B 108 -6.66 4.45 -14.05
N LEU B 109 -7.51 5.02 -13.20
CA LEU B 109 -7.13 5.21 -11.81
C LEU B 109 -6.79 3.90 -11.13
N LYS B 110 -7.57 2.86 -11.42
CA LYS B 110 -7.32 1.52 -10.87
C LYS B 110 -5.99 0.97 -11.38
N LYS B 111 -5.75 1.09 -12.68
CA LYS B 111 -4.49 0.62 -13.26
C LYS B 111 -3.32 1.34 -12.60
N VAL B 112 -3.47 2.64 -12.38
CA VAL B 112 -2.42 3.42 -11.74
C VAL B 112 -2.22 3.00 -10.29
N ASP B 113 -3.32 2.83 -9.56
CA ASP B 113 -3.21 2.38 -8.19
C ASP B 113 -2.52 1.00 -8.10
N LEU B 114 -2.88 0.10 -9.00
CA LEU B 114 -2.29 -1.24 -9.03
C LEU B 114 -0.77 -1.14 -9.18
N PHE B 115 -0.33 -0.33 -10.14
CA PHE B 115 1.10 -0.17 -10.38
C PHE B 115 1.79 0.45 -9.17
N GLN B 116 1.20 1.52 -8.66
CA GLN B 116 1.75 2.20 -7.50
C GLN B 116 1.99 1.23 -6.35
N MET B 117 0.95 0.48 -5.98
CA MET B 117 1.01 -0.42 -4.84
C MET B 117 2.04 -1.54 -5.00
N ILE B 118 2.15 -2.06 -6.22
CA ILE B 118 3.09 -3.15 -6.47
C ILE B 118 4.53 -2.65 -6.54
N ILE B 119 4.75 -1.62 -7.34
CA ILE B 119 6.11 -1.10 -7.52
C ILE B 119 6.67 -0.56 -6.19
N LEU B 120 5.82 0.13 -5.44
CA LEU B 120 6.21 0.64 -4.13
C LEU B 120 6.60 -0.47 -3.17
N LYS B 121 5.75 -1.49 -3.04
CA LYS B 121 6.03 -2.62 -2.14
C LYS B 121 7.36 -3.26 -2.47
N ILE B 122 7.60 -3.45 -3.75
CA ILE B 122 8.85 -4.04 -4.22
C ILE B 122 10.05 -3.17 -3.86
N ILE B 123 9.97 -1.88 -4.17
CA ILE B 123 11.06 -0.97 -3.87
C ILE B 123 11.30 -0.83 -2.37
N VAL B 124 10.23 -0.92 -1.58
CA VAL B 124 10.37 -0.83 -0.13
C VAL B 124 10.99 -2.11 0.45
N SER B 125 10.66 -3.26 -0.14
CA SER B 125 11.32 -4.50 0.25
C SER B 125 12.82 -4.46 -0.04
N PHE B 126 13.17 -3.99 -1.22
CA PHE B 126 14.56 -4.00 -1.67
C PHE B 126 15.50 -3.24 -0.75
N LEU B 127 15.05 -2.10 -0.24
CA LEU B 127 15.94 -1.29 0.58
C LEU B 127 15.81 -1.54 2.09
N SER B 128 14.78 -2.26 2.49
CA SER B 128 14.70 -2.74 3.87
C SER B 128 15.64 -3.94 4.04
N ASN B 129 15.86 -4.66 2.96
CA ASN B 129 16.64 -5.89 2.99
C ASN B 129 18.14 -5.65 2.78
N ASN B 130 18.79 -5.08 3.80
CA ASN B 130 20.25 -4.92 3.83
C ASN B 130 20.82 -4.20 2.62
N SER B 131 20.15 -3.14 2.17
CA SER B 131 20.66 -2.35 1.06
C SER B 131 21.54 -1.24 1.59
N ASN B 132 22.41 -0.71 0.72
CA ASN B 132 23.37 0.29 1.15
C ASN B 132 23.21 1.66 0.49
N PHE B 133 23.84 2.65 1.11
CA PHE B 133 23.63 4.06 0.79
C PHE B 133 23.94 4.39 -0.67
N ILE B 134 25.09 3.94 -1.15
CA ILE B 134 25.52 4.25 -2.52
C ILE B 134 24.51 3.78 -3.54
N GLU B 135 24.00 2.57 -3.34
CA GLU B 135 22.93 2.00 -4.17
C GLU B 135 21.70 2.91 -4.23
N ILE B 136 21.27 3.38 -3.07
CA ILE B 136 20.14 4.30 -3.00
C ILE B 136 20.46 5.60 -3.74
N MET B 137 21.66 6.12 -3.50
CA MET B 137 22.15 7.29 -4.22
C MET B 137 22.11 7.08 -5.72
N GLY B 138 22.51 5.90 -6.17
CA GLY B 138 22.52 5.59 -7.58
C GLY B 138 21.13 5.66 -8.18
N LEU B 139 20.17 5.01 -7.52
CA LEU B 139 18.79 5.02 -7.98
C LEU B 139 18.21 6.43 -8.08
N LEU B 140 18.44 7.23 -7.05
CA LEU B 140 18.05 8.64 -7.09
C LEU B 140 18.69 9.37 -8.25
N LEU B 141 20.01 9.26 -8.36
CA LEU B 141 20.74 9.98 -9.39
C LEU B 141 20.25 9.55 -10.77
N GLN B 142 20.02 8.26 -10.90
CA GLN B 142 19.48 7.71 -12.13
C GLN B 142 18.10 8.29 -12.45
N LEU B 143 17.31 8.52 -11.40
CA LEU B 143 16.01 9.17 -11.53
C LEU B 143 16.18 10.61 -12.03
N ILE B 144 17.02 11.38 -11.37
CA ILE B 144 17.26 12.77 -11.73
C ILE B 144 17.79 12.93 -13.15
N ARG B 145 18.85 12.21 -13.47
CA ARG B 145 19.58 12.45 -14.71
C ARG B 145 18.86 11.96 -15.96
N ASN B 146 17.86 11.10 -15.79
CA ASN B 146 17.21 10.47 -16.94
C ASN B 146 15.74 10.84 -17.11
N ASN B 147 15.25 11.70 -16.22
CA ASN B 147 13.86 12.11 -16.30
C ASN B 147 13.70 13.60 -16.04
N ASN B 148 12.69 14.19 -16.67
CA ASN B 148 12.18 15.46 -16.17
C ASN B 148 11.56 15.18 -14.80
N VAL B 149 12.27 15.62 -13.77
CA VAL B 149 11.91 15.36 -12.38
C VAL B 149 10.58 15.99 -12.01
N SER B 150 10.38 17.20 -12.52
CA SER B 150 9.18 17.95 -12.24
C SER B 150 7.96 17.22 -12.78
N PHE B 151 8.07 16.77 -14.03
CA PHE B 151 7.00 15.95 -14.60
C PHE B 151 6.71 14.75 -13.69
N LEU B 152 7.76 14.13 -13.17
CA LEU B 152 7.56 12.98 -12.28
C LEU B 152 6.75 13.33 -11.04
N THR B 153 6.91 14.56 -10.55
CA THR B 153 6.19 15.04 -9.37
C THR B 153 4.70 15.35 -9.65
N THR B 154 4.30 15.32 -10.93
CA THR B 154 2.89 15.46 -11.28
C THR B 154 2.13 14.13 -11.24
N SER B 155 2.81 13.07 -10.83
CA SER B 155 2.14 11.80 -10.59
C SER B 155 2.33 11.34 -9.15
N LYS B 156 1.37 10.59 -8.64
CA LYS B 156 1.44 10.10 -7.26
C LYS B 156 2.60 9.13 -7.08
N ILE B 157 2.80 8.28 -8.09
CA ILE B 157 3.85 7.28 -8.12
C ILE B 157 5.22 7.93 -8.04
N GLY B 158 5.46 8.92 -8.90
CA GLY B 158 6.72 9.63 -8.93
C GLY B 158 7.02 10.36 -7.64
N LEU B 159 6.06 11.15 -7.17
CA LEU B 159 6.18 11.78 -5.86
C LEU B 159 6.54 10.74 -4.79
N ASN B 160 5.68 9.73 -4.64
CA ASN B 160 5.89 8.71 -3.61
C ASN B 160 7.24 8.03 -3.71
N LEU B 161 7.66 7.75 -4.95
CA LEU B 161 8.97 7.14 -5.20
C LEU B 161 10.12 8.02 -4.71
N ILE B 162 10.02 9.31 -4.98
CA ILE B 162 11.05 10.22 -4.52
C ILE B 162 11.04 10.29 -2.99
N THR B 163 9.88 10.41 -2.38
CA THR B 163 9.89 10.50 -0.91
C THR B 163 10.37 9.22 -0.26
N ILE B 164 10.05 8.06 -0.85
CA ILE B 164 10.61 6.79 -0.35
C ILE B 164 12.15 6.76 -0.41
N LEU B 165 12.73 7.24 -1.51
CA LEU B 165 14.18 7.21 -1.64
C LEU B 165 14.87 8.22 -0.70
N ILE B 166 14.38 9.46 -0.66
CA ILE B 166 15.10 10.47 0.12
C ILE B 166 14.94 10.30 1.62
N SER B 167 13.79 9.78 2.05
CA SER B 167 13.58 9.60 3.47
C SER B 167 14.34 8.35 3.96
N ARG B 168 14.61 7.43 3.04
CA ARG B 168 15.47 6.31 3.36
C ARG B 168 16.92 6.78 3.48
N ALA B 169 17.30 7.77 2.66
CA ALA B 169 18.63 8.37 2.69
C ALA B 169 18.83 9.17 3.97
N ALA B 170 17.84 9.99 4.30
CA ALA B 170 17.85 10.78 5.53
C ALA B 170 17.99 9.88 6.76
N LEU B 171 17.36 8.72 6.71
CA LEU B 171 17.33 7.76 7.81
C LEU B 171 18.74 7.30 8.18
N ILE B 172 19.58 7.08 7.17
CA ILE B 172 20.94 6.61 7.38
C ILE B 172 21.87 7.76 7.73
N LYS B 173 21.75 8.87 7.00
CA LYS B 173 22.63 10.01 7.20
C LYS B 173 22.55 10.54 8.63
N GLN B 174 21.32 10.85 9.07
CA GLN B 174 21.10 11.35 10.41
C GLN B 174 21.56 10.37 11.49
N ASP B 175 21.59 9.09 11.13
CA ASP B 175 22.01 8.04 12.05
C ASP B 175 23.52 7.74 11.98
N SER B 176 24.00 7.47 10.77
CA SER B 176 25.38 7.02 10.56
C SER B 176 26.12 7.99 9.65
N LEU B 182 28.79 5.00 7.44
CA LEU B 182 28.72 6.12 6.50
C LEU B 182 30.02 6.93 6.50
N SER B 183 30.67 7.00 5.35
CA SER B 183 31.97 7.67 5.25
C SER B 183 31.78 9.10 4.81
N SER B 184 32.90 9.83 4.71
CA SER B 184 32.87 11.22 4.27
C SER B 184 32.42 11.41 2.80
N PRO B 185 33.05 10.68 1.85
CA PRO B 185 32.59 10.81 0.45
C PRO B 185 31.12 10.40 0.24
N GLU B 186 30.59 9.52 1.09
CA GLU B 186 29.22 9.05 0.94
C GLU B 186 28.23 10.14 1.35
N ILE B 187 28.52 10.80 2.46
CA ILE B 187 27.74 11.94 2.90
C ILE B 187 27.85 13.06 1.88
N SER B 188 29.04 13.19 1.27
CA SER B 188 29.29 14.22 0.27
C SER B 188 28.47 14.03 -1.00
N THR B 189 28.41 12.79 -1.48
CA THR B 189 27.65 12.50 -2.69
C THR B 189 26.15 12.73 -2.50
N TRP B 190 25.68 12.47 -1.28
CA TRP B 190 24.29 12.73 -0.93
C TRP B 190 23.98 14.23 -0.97
N ASN B 191 24.79 15.02 -0.27
CA ASN B 191 24.71 16.47 -0.38
C ASN B 191 24.55 16.92 -1.82
N GLU B 192 25.36 16.34 -2.72
CA GLU B 192 25.36 16.74 -4.12
C GLU B 192 24.11 16.27 -4.85
N ILE B 193 23.67 15.05 -4.53
CA ILE B 193 22.49 14.51 -5.18
C ILE B 193 21.21 15.24 -4.73
N TYR B 194 21.09 15.50 -3.42
CA TYR B 194 20.01 16.36 -2.93
C TYR B 194 20.01 17.71 -3.66
N ASP B 195 21.19 18.30 -3.82
CA ASP B 195 21.27 19.58 -4.51
C ASP B 195 20.74 19.56 -5.94
N LYS B 196 21.10 18.51 -6.70
CA LYS B 196 20.59 18.33 -8.06
C LYS B 196 19.09 18.09 -8.03
N LEU B 197 18.64 17.27 -7.10
CA LEU B 197 17.21 17.05 -6.94
C LEU B 197 16.53 18.40 -6.69
N PHE B 198 17.03 19.13 -5.71
CA PHE B 198 16.42 20.41 -5.34
C PHE B 198 16.42 21.41 -6.50
N THR B 199 17.55 21.53 -7.18
CA THR B 199 17.69 22.51 -8.26
C THR B 199 16.71 22.21 -9.38
N SER B 200 16.46 20.93 -9.60
CA SER B 200 15.52 20.53 -10.65
C SER B 200 14.04 20.76 -10.28
N LEU B 201 13.75 20.98 -8.99
CA LEU B 201 12.40 21.33 -8.55
C LEU B 201 12.18 22.81 -8.28
N GLU B 202 13.27 23.55 -8.11
CA GLU B 202 13.17 24.96 -7.72
C GLU B 202 12.25 25.76 -8.67
N SER B 203 11.38 26.56 -8.07
CA SER B 203 10.35 27.33 -8.77
C SER B 203 9.22 26.50 -9.37
N LYS B 204 9.20 25.19 -9.09
CA LYS B 204 8.14 24.34 -9.63
C LYS B 204 7.54 23.42 -8.54
N ILE B 205 7.79 23.76 -7.30
CA ILE B 205 7.34 22.92 -6.20
C ILE B 205 5.83 22.87 -6.09
N GLN B 206 5.18 24.01 -6.30
CA GLN B 206 3.73 24.05 -6.14
C GLN B 206 3.02 23.16 -7.17
N LEU B 207 3.71 22.82 -8.25
CA LEU B 207 3.13 21.99 -9.30
C LEU B 207 2.88 20.54 -8.84
N ILE B 208 3.36 20.17 -7.67
CA ILE B 208 3.07 18.85 -7.13
C ILE B 208 1.61 18.77 -6.70
N PHE B 209 0.99 19.94 -6.52
CA PHE B 209 -0.43 20.02 -6.22
C PHE B 209 -1.23 20.06 -7.50
N PRO B 210 -2.02 19.01 -7.78
CA PRO B 210 -2.79 19.04 -9.02
C PRO B 210 -3.79 20.18 -9.02
N PRO B 211 -4.21 20.62 -10.21
CA PRO B 211 -5.13 21.75 -10.25
C PRO B 211 -6.55 21.41 -9.78
N ARG B 212 -7.34 22.45 -9.56
CA ARG B 212 -8.70 22.32 -9.07
C ARG B 212 -9.55 21.45 -9.97
N GLU B 213 -9.39 21.63 -11.27
CA GLU B 213 -10.18 20.90 -12.27
C GLU B 213 -9.94 19.40 -12.19
N TYR B 214 -8.69 19.02 -11.99
CA TYR B 214 -8.31 17.63 -11.83
C TYR B 214 -8.97 17.07 -10.57
N ASN B 215 -8.80 17.76 -9.46
CA ASN B 215 -9.46 17.40 -8.20
C ASN B 215 -10.98 17.22 -8.35
N ASP B 216 -11.64 18.15 -9.02
CA ASP B 216 -13.09 18.07 -9.18
C ASP B 216 -13.47 16.86 -10.02
N HIS B 217 -12.70 16.63 -11.08
CA HIS B 217 -12.87 15.43 -11.88
C HIS B 217 -12.73 14.15 -11.05
N ILE B 218 -11.67 14.05 -10.26
CA ILE B 218 -11.42 12.83 -9.48
C ILE B 218 -12.52 12.61 -8.45
N MET B 219 -12.89 13.70 -7.79
CA MET B 219 -13.95 13.67 -6.79
C MET B 219 -15.24 13.11 -7.35
N ARG B 220 -15.64 13.57 -8.54
CA ARG B 220 -16.83 13.04 -9.20
C ARG B 220 -16.76 11.53 -9.42
N LEU B 221 -15.68 11.07 -10.05
CA LEU B 221 -15.43 9.64 -10.26
C LEU B 221 -15.61 8.80 -8.99
N GLN B 222 -15.12 9.33 -7.87
CA GLN B 222 -15.10 8.58 -6.62
C GLN B 222 -16.40 8.79 -5.87
N ASN B 223 -17.25 9.65 -6.42
CA ASN B 223 -18.45 10.11 -5.73
C ASN B 223 -18.12 10.58 -4.34
N ASP B 224 -17.13 11.47 -4.26
CA ASP B 224 -16.60 11.93 -2.98
C ASP B 224 -16.45 13.45 -3.03
N LYS B 225 -16.39 14.08 -1.87
CA LYS B 225 -16.32 15.53 -1.81
C LYS B 225 -14.97 16.00 -1.28
N PHE B 226 -14.06 15.05 -1.11
CA PHE B 226 -12.78 15.34 -0.49
C PHE B 226 -11.67 14.55 -1.17
N MET B 227 -10.52 15.20 -1.41
CA MET B 227 -9.36 14.50 -1.92
C MET B 227 -8.54 14.00 -0.75
N ASP B 228 -7.49 13.24 -1.07
CA ASP B 228 -6.52 12.78 -0.09
C ASP B 228 -5.14 13.22 -0.58
N GLU B 229 -4.60 14.26 0.04
CA GLU B 229 -3.35 14.84 -0.39
C GLU B 229 -2.25 14.62 0.64
N ALA B 230 -2.45 13.64 1.51
CA ALA B 230 -1.42 13.30 2.49
C ALA B 230 -0.05 13.02 1.83
N TYR B 231 -0.06 12.35 0.67
CA TYR B 231 1.18 12.00 0.00
C TYR B 231 1.94 13.24 -0.48
N ILE B 232 1.22 14.30 -0.82
CA ILE B 232 1.87 15.57 -1.18
C ILE B 232 2.60 16.21 0.01
N TRP B 233 1.90 16.32 1.14
CA TRP B 233 2.48 16.91 2.35
C TRP B 233 3.60 16.05 2.91
N GLN B 234 3.56 14.75 2.64
CA GLN B 234 4.60 13.86 3.14
C GLN B 234 5.86 14.05 2.28
N PHE B 235 5.67 14.19 0.98
CA PHE B 235 6.78 14.58 0.10
C PHE B 235 7.47 15.85 0.58
N LEU B 236 6.67 16.87 0.85
CA LEU B 236 7.19 18.17 1.27
C LEU B 236 7.88 18.05 2.63
N ALA B 237 7.32 17.24 3.52
CA ALA B 237 7.96 17.03 4.82
C ALA B 237 9.31 16.32 4.65
N SER B 238 9.34 15.33 3.78
CA SER B 238 10.56 14.58 3.56
C SER B 238 11.61 15.39 2.81
N LEU B 239 11.17 16.23 1.87
CA LEU B 239 12.09 17.11 1.15
C LEU B 239 12.75 18.11 2.11
N ALA B 240 11.95 18.69 2.99
CA ALA B 240 12.43 19.67 3.97
C ALA B 240 13.36 19.03 5.01
N LEU B 241 13.02 17.81 5.44
CA LEU B 241 13.85 17.06 6.40
C LEU B 241 15.27 16.85 5.90
N SER B 242 15.39 16.55 4.62
CA SER B 242 16.69 16.29 4.02
C SER B 242 17.44 17.55 3.62
N GLY B 243 16.77 18.70 3.71
CA GLY B 243 17.38 19.96 3.29
C GLY B 243 17.98 20.81 4.40
N LYS B 244 18.86 21.72 4.01
CA LYS B 244 19.38 22.75 4.92
C LYS B 244 18.31 23.80 5.17
N LEU B 245 18.61 24.77 6.03
CA LEU B 245 17.69 25.84 6.35
C LEU B 245 17.25 26.66 5.12
N ASN B 246 18.20 26.96 4.23
CA ASN B 246 17.88 27.71 3.03
C ASN B 246 16.92 26.94 2.10
N HIS B 247 17.02 25.61 2.14
CA HIS B 247 16.11 24.74 1.39
C HIS B 247 14.71 24.78 1.95
N GLN B 248 14.62 24.65 3.28
CA GLN B 248 13.36 24.75 3.99
C GLN B 248 12.69 26.10 3.75
N ARG B 249 13.50 27.16 3.81
CA ARG B 249 13.00 28.52 3.56
C ARG B 249 12.33 28.60 2.20
N ILE B 250 12.97 28.01 1.21
CA ILE B 250 12.47 28.09 -0.16
C ILE B 250 11.22 27.22 -0.36
N ILE B 251 11.25 26.01 0.18
CA ILE B 251 10.05 25.16 0.12
C ILE B 251 8.83 25.89 0.69
N ILE B 252 8.96 26.44 1.91
CA ILE B 252 7.79 26.97 2.60
C ILE B 252 7.19 28.18 1.87
N ASP B 253 8.06 28.96 1.23
CA ASP B 253 7.64 30.08 0.40
C ASP B 253 6.93 29.63 -0.87
N GLU B 254 7.46 28.63 -1.56
CA GLU B 254 6.80 28.12 -2.76
C GLU B 254 5.38 27.58 -2.50
N VAL B 255 5.14 27.05 -1.31
CA VAL B 255 3.83 26.44 -1.04
C VAL B 255 2.96 27.30 -0.10
N ARG B 256 3.30 28.59 -0.03
CA ARG B 256 2.60 29.52 0.85
C ARG B 256 1.10 29.55 0.63
N ASP B 257 0.69 29.71 -0.63
CA ASP B 257 -0.73 29.83 -0.93
C ASP B 257 -1.49 28.52 -0.70
N GLU B 258 -0.80 27.39 -0.79
CA GLU B 258 -1.41 26.07 -0.54
C GLU B 258 -1.60 25.85 0.95
N ILE B 259 -0.68 26.39 1.73
CA ILE B 259 -0.80 26.41 3.17
C ILE B 259 -2.03 27.20 3.61
N PHE B 260 -2.14 28.43 3.10
CA PHE B 260 -3.28 29.29 3.41
C PHE B 260 -4.59 28.67 2.96
N ALA B 261 -4.56 28.04 1.79
CA ALA B 261 -5.77 27.45 1.24
C ALA B 261 -6.22 26.24 2.06
N THR B 262 -5.26 25.47 2.56
CA THR B 262 -5.55 24.30 3.39
C THR B 262 -6.18 24.74 4.68
N ILE B 263 -5.53 25.69 5.34
CA ILE B 263 -6.02 26.30 6.56
C ILE B 263 -7.45 26.81 6.38
N ASN B 264 -7.68 27.56 5.32
CA ASN B 264 -9.01 28.11 5.10
C ASN B 264 -10.07 27.04 4.87
N GLU B 265 -9.66 25.95 4.23
CA GLU B 265 -10.52 24.80 4.00
C GLU B 265 -10.89 24.20 5.35
N ALA B 266 -9.87 24.01 6.18
CA ALA B 266 -10.05 23.45 7.52
C ALA B 266 -11.03 24.27 8.35
N GLU B 267 -10.92 25.59 8.23
CA GLU B 267 -11.77 26.49 9.01
C GLU B 267 -13.21 26.52 8.49
N THR B 268 -13.39 26.40 7.19
CA THR B 268 -14.73 26.31 6.64
C THR B 268 -15.40 25.02 7.16
N LEU B 269 -14.63 23.95 7.26
CA LEU B 269 -15.14 22.69 7.80
C LEU B 269 -15.53 22.83 9.27
N GLN B 270 -14.66 23.49 10.04
CA GLN B 270 -14.88 23.69 11.46
C GLN B 270 -16.18 24.45 11.71
N LYS B 271 -16.46 25.44 10.89
CA LYS B 271 -17.69 26.20 11.00
C LYS B 271 -18.88 25.30 10.70
N LYS B 272 -18.80 24.55 9.61
CA LYS B 272 -19.88 23.67 9.23
C LYS B 272 -20.12 22.61 10.34
N GLU B 273 -19.05 22.11 10.93
CA GLU B 273 -19.10 21.19 12.05
C GLU B 273 -19.93 21.75 13.22
N LYS B 274 -19.71 23.01 13.55
CA LYS B 274 -20.39 23.62 14.69
C LYS B 274 -21.88 23.83 14.45
N GLU B 275 -22.26 24.25 13.25
CA GLU B 275 -23.70 24.34 12.98
C GLU B 275 -24.39 22.97 12.94
N LEU B 276 -23.65 21.91 12.60
CA LEU B 276 -24.24 20.57 12.54
C LEU B 276 -24.28 19.88 13.91
N SER B 277 -23.30 20.17 14.76
CA SER B 277 -23.14 19.49 16.03
C SER B 277 -24.25 19.79 17.03
N VAL B 278 -24.91 20.92 16.85
CA VAL B 278 -25.89 21.40 17.83
C VAL B 278 -27.29 20.96 17.47
N LEU B 279 -27.42 20.25 16.37
CA LEU B 279 -28.72 19.72 15.97
C LEU B 279 -29.07 18.44 16.73
N PRO B 280 -30.29 18.35 17.25
CA PRO B 280 -30.76 17.12 17.92
C PRO B 280 -31.22 16.07 16.91
N GLN B 281 -31.03 14.80 17.25
CA GLN B 281 -31.56 13.68 16.47
C GLN B 281 -31.27 13.78 14.97
N ARG B 282 -29.99 13.89 14.62
CA ARG B 282 -29.61 13.96 13.20
C ARG B 282 -30.12 12.76 12.44
N SER B 283 -30.68 13.03 11.26
CA SER B 283 -31.00 11.98 10.32
C SER B 283 -29.71 11.24 9.96
N GLN B 284 -29.84 10.11 9.26
CA GLN B 284 -28.66 9.35 8.92
C GLN B 284 -27.75 10.16 8.00
N GLU B 285 -28.34 10.85 7.05
CA GLU B 285 -27.55 11.61 6.09
C GLU B 285 -26.83 12.77 6.80
N LEU B 286 -27.51 13.43 7.72
CA LEU B 286 -26.88 14.56 8.41
C LEU B 286 -25.77 14.12 9.36
N ASP B 287 -25.92 12.93 9.94
CA ASP B 287 -24.92 12.41 10.87
C ASP B 287 -23.67 11.94 10.13
N THR B 288 -23.85 11.26 9.00
CA THR B 288 -22.69 10.83 8.23
C THR B 288 -21.95 12.05 7.66
N GLU B 289 -22.70 13.08 7.27
CA GLU B 289 -22.08 14.32 6.80
C GLU B 289 -21.20 14.93 7.89
N LEU B 290 -21.71 15.00 9.11
CA LEU B 290 -20.95 15.56 10.21
C LEU B 290 -19.68 14.77 10.51
N LYS B 291 -19.77 13.43 10.50
CA LYS B 291 -18.59 12.61 10.75
C LYS B 291 -17.54 12.75 9.62
N SER B 292 -18.03 12.91 8.40
CA SER B 292 -17.16 13.14 7.25
C SER B 292 -16.48 14.52 7.32
N ILE B 293 -17.23 15.54 7.69
CA ILE B 293 -16.69 16.90 7.87
C ILE B 293 -15.59 16.87 8.91
N ILE B 294 -15.87 16.21 10.03
CA ILE B 294 -14.92 16.12 11.14
C ILE B 294 -13.67 15.32 10.76
N TYR B 295 -13.86 14.17 10.11
CA TYR B 295 -12.71 13.38 9.68
C TYR B 295 -11.81 14.21 8.78
N ASN B 296 -12.42 14.88 7.81
CA ASN B 296 -11.64 15.63 6.83
C ASN B 296 -10.97 16.89 7.37
N LYS B 297 -11.62 17.56 8.33
CA LYS B 297 -10.99 18.70 8.98
C LYS B 297 -9.72 18.26 9.70
N GLU B 298 -9.82 17.19 10.47
CA GLU B 298 -8.70 16.69 11.26
C GLU B 298 -7.58 16.16 10.38
N LYS B 299 -7.95 15.49 9.29
CA LYS B 299 -7.00 15.05 8.28
C LYS B 299 -6.20 16.25 7.68
N LEU B 300 -6.88 17.33 7.32
CA LEU B 300 -6.17 18.54 6.83
C LEU B 300 -5.16 19.09 7.84
N TYR B 301 -5.59 19.27 9.09
CA TYR B 301 -4.68 19.71 10.15
C TYR B 301 -3.49 18.79 10.28
N GLN B 302 -3.78 17.49 10.36
CA GLN B 302 -2.72 16.51 10.59
C GLN B 302 -1.71 16.48 9.47
N ASP B 303 -2.18 16.45 8.23
CA ASP B 303 -1.27 16.37 7.10
C ASP B 303 -0.48 17.66 6.96
N LEU B 304 -1.15 18.79 7.13
CA LEU B 304 -0.47 20.09 7.10
C LEU B 304 0.58 20.18 8.21
N ASN B 305 0.21 19.75 9.42
CA ASN B 305 1.16 19.85 10.52
C ASN B 305 2.35 18.91 10.43
N LEU B 306 2.18 17.82 9.70
CA LEU B 306 3.32 16.95 9.38
C LEU B 306 4.45 17.78 8.74
N PHE B 307 4.10 18.55 7.73
CA PHE B 307 5.07 19.41 7.05
C PHE B 307 5.54 20.55 7.97
N LEU B 308 4.62 21.34 8.49
CA LEU B 308 4.99 22.47 9.36
C LEU B 308 5.88 22.07 10.55
N ASN B 309 5.61 20.92 11.17
CA ASN B 309 6.40 20.49 12.32
C ASN B 309 7.89 20.32 12.00
N VAL B 310 8.19 19.86 10.78
CA VAL B 310 9.57 19.67 10.35
C VAL B 310 10.28 21.05 10.30
N MET B 311 9.49 22.08 10.02
CA MET B 311 9.94 23.47 9.99
C MET B 311 10.06 24.09 11.38
N GLY B 312 9.62 23.38 12.42
CA GLY B 312 9.56 23.96 13.75
C GLY B 312 8.30 24.78 13.95
N LEU B 313 7.30 24.54 13.10
CA LEU B 313 6.06 25.30 13.09
C LEU B 313 4.83 24.42 13.37
N VAL B 314 3.74 25.04 13.81
CA VAL B 314 2.49 24.32 13.99
C VAL B 314 1.31 25.25 13.69
N TYR B 315 0.29 24.74 13.01
CA TYR B 315 -0.97 25.44 12.94
C TYR B 315 -1.89 25.03 14.08
N ARG B 316 -2.30 26.00 14.89
CA ARG B 316 -3.01 25.70 16.12
C ARG B 316 -3.88 26.89 16.57
N ASP B 317 -5.19 26.74 16.46
CA ASP B 317 -6.14 27.77 16.86
C ASP B 317 -5.92 29.12 16.17
N GLY B 318 -6.02 29.11 14.84
CA GLY B 318 -6.05 30.33 14.05
C GLY B 318 -4.69 30.90 13.71
N GLU B 319 -3.66 30.37 14.38
CA GLU B 319 -2.32 30.88 14.23
C GLU B 319 -1.37 29.77 13.75
N ILE B 320 -0.39 30.16 12.95
CA ILE B 320 0.79 29.35 12.69
C ILE B 320 1.83 29.86 13.64
N SER B 321 2.18 29.07 14.64
CA SER B 321 3.10 29.55 15.66
C SER B 321 4.30 28.63 15.75
N GLU B 322 5.24 28.99 16.61
CA GLU B 322 6.46 28.20 16.77
C GLU B 322 6.16 26.91 17.55
N LEU B 323 6.93 25.87 17.24
CA LEU B 323 6.83 24.60 17.95
C LEU B 323 7.63 24.68 19.25
N LYS B 324 6.94 24.46 20.37
CA LYS B 324 7.48 24.76 21.71
C LYS B 324 7.83 26.24 21.85
O1 MES C . -9.71 -13.72 -24.03
C2 MES C . -8.37 -14.20 -23.88
C3 MES C . -7.60 -13.51 -22.76
N4 MES C . -8.37 -13.74 -21.55
C5 MES C . -9.83 -13.71 -21.57
C6 MES C . -10.27 -13.08 -22.88
C7 MES C . -7.66 -13.76 -20.26
C8 MES C . -6.64 -12.63 -20.35
S MES C . -5.45 -12.81 -19.19
O1S MES C . -5.04 -11.44 -18.77
O2S MES C . -4.30 -13.56 -19.74
O3S MES C . -5.98 -13.59 -18.04
C1 EDO D . -2.86 -14.75 -13.76
O1 EDO D . -2.72 -15.60 -14.92
C2 EDO D . -2.59 -15.55 -12.49
O2 EDO D . -1.45 -15.10 -11.76
C1 EDO E . -23.38 3.94 4.87
O1 EDO E . -24.36 3.25 5.66
C2 EDO E . -23.98 5.17 4.19
O2 EDO E . -22.97 6.13 3.80
O1 MES F . -10.31 21.81 15.90
C2 MES F . -9.39 21.51 14.84
C3 MES F . -8.08 20.91 15.33
N4 MES F . -8.42 19.79 16.20
C5 MES F . -9.43 19.98 17.25
C6 MES F . -9.85 21.45 17.22
C7 MES F . -7.43 18.75 16.45
C8 MES F . -6.65 18.57 15.15
S MES F . -5.62 17.26 15.27
O1S MES F . -4.46 17.53 14.39
O2S MES F . -6.29 16.02 14.85
O3S MES F . -5.14 17.13 16.67
C1 EDO G . -0.79 16.20 13.49
O1 EDO G . 0.44 15.86 12.84
C2 EDO G . -0.70 17.50 14.28
O2 EDO G . -1.87 18.31 14.07
#